data_3FAT
#
_entry.id   3FAT
#
_cell.length_a   105.175
_cell.length_b   169.531
_cell.length_c   73.883
_cell.angle_alpha   90.000
_cell.angle_beta   120.580
_cell.angle_gamma   90.000
#
_symmetry.space_group_name_H-M   'C 1 2 1'
#
loop_
_entity.id
_entity.type
_entity.pdbx_description
1 polymer 'Glutamate receptor 4'
2 non-polymer '(S)-ALPHA-AMINO-3-HYDROXY-5-METHYL-4-ISOXAZOLEPROPIONIC ACID'
3 non-polymer 'SULFATE ION'
4 non-polymer GLYCEROL
5 non-polymer 'ACETIC ACID'
6 water water
#
_entity_poly.entity_id   1
_entity_poly.type   'polypeptide(L)'
_entity_poly.pdbx_seq_one_letter_code
;GRTVVVTTIMESPYVMYKKNHEMFEGNDKYEGYCVDLASEIAKHIGIKYKIAIVPDGKYGARDADTKIWNGMVGELVYGK
AEIAIAPLTITLVREEVIDFSKPFMSLGISIMIKKGTPIESAEDLAKQTEIAYGTLDSGSTKEFFRRSKIAVYEKMWTYM
RSAEPSVFTRTTAEGVARVRKSKGKFAFLLESTMNEYIEQRKPCDTMKVGGNLDSKGYGVATPKGSSLRTPVNLAVLKLS
EAGVLDKLKNKWWYDKGECG
;
_entity_poly.pdbx_strand_id   A,B,C
#
# COMPACT_ATOMS: atom_id res chain seq x y z
N GLY A 1 -8.26 19.12 -14.00
CA GLY A 1 -8.80 17.98 -14.71
C GLY A 1 -10.31 17.94 -14.64
N ARG A 2 -10.89 16.78 -14.97
CA ARG A 2 -12.33 16.60 -14.94
C ARG A 2 -12.82 16.49 -13.50
N THR A 3 -14.10 16.74 -13.28
CA THR A 3 -14.69 16.50 -11.97
C THR A 3 -15.25 15.08 -11.93
N VAL A 4 -14.62 14.24 -11.13
CA VAL A 4 -14.96 12.81 -11.07
C VAL A 4 -16.25 12.59 -10.30
N VAL A 5 -17.14 11.78 -10.84
CA VAL A 5 -18.41 11.48 -10.16
C VAL A 5 -18.23 10.34 -9.17
N VAL A 6 -18.50 10.62 -7.90
CA VAL A 6 -18.39 9.63 -6.83
C VAL A 6 -19.78 9.21 -6.39
N THR A 7 -20.13 7.95 -6.63
CA THR A 7 -21.42 7.45 -6.17
C THR A 7 -21.33 6.99 -4.72
N THR A 8 -22.36 7.30 -3.94
CA THR A 8 -22.39 6.88 -2.54
C THR A 8 -23.85 6.74 -2.11
N ILE A 9 -24.06 6.50 -0.82
CA ILE A 9 -25.40 6.21 -0.33
C ILE A 9 -25.63 6.87 1.03
N MET A 10 -26.86 7.32 1.28
CA MET A 10 -27.18 7.92 2.58
C MET A 10 -27.25 6.83 3.64
N GLU A 11 -26.26 6.81 4.51
CA GLU A 11 -26.16 5.77 5.53
C GLU A 11 -25.32 6.29 6.69
N SER A 12 -25.96 6.54 7.82
CA SER A 12 -25.27 7.07 9.00
C SER A 12 -24.41 5.99 9.64
N PRO A 13 -23.18 6.34 10.04
CA PRO A 13 -22.58 7.66 9.93
C PRO A 13 -21.55 7.79 8.79
N TYR A 14 -21.73 7.00 7.72
CA TYR A 14 -20.85 7.08 6.56
C TYR A 14 -21.13 8.34 5.74
N VAL A 15 -22.41 8.56 5.44
CA VAL A 15 -22.82 9.74 4.69
C VAL A 15 -24.12 10.28 5.27
N MET A 16 -24.09 11.52 5.76
CA MET A 16 -25.25 12.16 6.37
C MET A 16 -25.40 13.60 5.91
N TYR A 17 -26.62 14.11 5.94
CA TYR A 17 -26.85 15.53 5.74
C TYR A 17 -26.34 16.32 6.94
N LYS A 18 -25.66 17.43 6.66
CA LYS A 18 -25.30 18.37 7.71
C LYS A 18 -26.57 19.02 8.25
N LYS A 19 -26.48 19.55 9.47
CA LYS A 19 -27.54 20.39 10.01
C LYS A 19 -27.69 21.61 9.11
N ASN A 20 -28.92 21.96 8.77
CA ASN A 20 -29.19 23.07 7.87
C ASN A 20 -28.55 22.85 6.50
N HIS A 21 -28.67 21.62 5.99
CA HIS A 21 -28.02 21.26 4.74
C HIS A 21 -28.46 22.13 3.56
N GLU A 22 -29.65 22.69 3.64
CA GLU A 22 -30.17 23.55 2.58
C GLU A 22 -29.32 24.81 2.46
N MET A 23 -28.52 25.09 3.50
CA MET A 23 -27.68 26.28 3.53
C MET A 23 -26.33 26.05 2.85
N PHE A 24 -26.09 24.82 2.40
CA PHE A 24 -24.84 24.48 1.74
C PHE A 24 -25.06 24.05 0.30
N GLU A 25 -23.99 24.07 -0.49
CA GLU A 25 -24.06 23.63 -1.88
C GLU A 25 -23.18 22.41 -2.13
N GLY A 26 -23.60 21.58 -3.09
CA GLY A 26 -22.80 20.44 -3.54
C GLY A 26 -22.27 19.57 -2.41
N ASN A 27 -20.99 19.22 -2.51
CA ASN A 27 -20.36 18.33 -1.54
C ASN A 27 -20.51 18.81 -0.09
N ASP A 28 -20.58 20.12 0.08
CA ASP A 28 -20.61 20.71 1.43
C ASP A 28 -21.91 20.42 2.19
N LYS A 29 -22.89 19.81 1.52
CA LYS A 29 -24.13 19.43 2.18
C LYS A 29 -23.95 18.20 3.07
N TYR A 30 -22.87 17.46 2.85
CA TYR A 30 -22.70 16.17 3.50
C TYR A 30 -21.57 16.12 4.51
N GLU A 31 -21.67 15.18 5.45
CA GLU A 31 -20.59 14.89 6.37
C GLU A 31 -20.65 13.42 6.73
N GLY A 32 -19.55 12.90 7.27
CA GLY A 32 -19.51 11.52 7.68
C GLY A 32 -18.20 10.82 7.34
N TYR A 33 -18.08 9.57 7.76
CA TYR A 33 -16.86 8.79 7.54
C TYR A 33 -16.48 8.77 6.06
N CYS A 34 -17.46 8.49 5.19
CA CYS A 34 -17.15 8.32 3.78
C CYS A 34 -16.95 9.65 3.05
N VAL A 35 -17.53 10.72 3.58
CA VAL A 35 -17.26 12.05 3.06
C VAL A 35 -15.82 12.45 3.34
N ASP A 36 -15.35 12.15 4.55
CA ASP A 36 -13.96 12.42 4.89
C ASP A 36 -13.00 11.55 4.08
N LEU A 37 -13.34 10.27 3.92
CA LEU A 37 -12.51 9.35 3.14
C LEU A 37 -12.39 9.83 1.69
N ALA A 38 -13.51 10.30 1.13
CA ALA A 38 -13.51 10.81 -0.24
C ALA A 38 -12.55 11.99 -0.39
N SER A 39 -12.57 12.89 0.59
CA SER A 39 -11.70 14.04 0.56
C SER A 39 -10.22 13.64 0.65
N GLU A 40 -9.92 12.68 1.52
CA GLU A 40 -8.55 12.22 1.71
C GLU A 40 -8.02 11.51 0.46
N ILE A 41 -8.86 10.68 -0.15
CA ILE A 41 -8.46 9.98 -1.37
C ILE A 41 -8.20 10.95 -2.51
N ALA A 42 -9.14 11.86 -2.75
CA ALA A 42 -9.01 12.84 -3.82
C ALA A 42 -7.71 13.63 -3.68
N LYS A 43 -7.39 13.99 -2.44
CA LYS A 43 -6.18 14.73 -2.14
C LYS A 43 -4.91 13.94 -2.49
N HIS A 44 -4.91 12.64 -2.19
CA HIS A 44 -3.75 11.79 -2.42
C HIS A 44 -3.58 11.40 -3.90
N ILE A 45 -4.67 11.38 -4.66
CA ILE A 45 -4.55 11.03 -6.08
C ILE A 45 -4.76 12.22 -7.00
N GLY A 46 -4.98 13.39 -6.41
CA GLY A 46 -5.03 14.64 -7.14
C GLY A 46 -6.21 14.79 -8.08
N ILE A 47 -7.42 14.57 -7.58
CA ILE A 47 -8.61 14.74 -8.41
C ILE A 47 -9.64 15.67 -7.78
N LYS A 48 -10.47 16.27 -8.63
CA LYS A 48 -11.66 16.97 -8.17
C LYS A 48 -12.83 15.99 -8.31
N TYR A 49 -13.86 16.16 -7.49
CA TYR A 49 -14.94 15.21 -7.52
C TYR A 49 -16.26 15.83 -7.10
N LYS A 50 -17.34 15.11 -7.41
CA LYS A 50 -18.70 15.52 -7.07
C LYS A 50 -19.42 14.31 -6.48
N ILE A 51 -19.88 14.44 -5.24
CA ILE A 51 -20.65 13.39 -4.60
C ILE A 51 -22.05 13.32 -5.23
N ALA A 52 -22.44 12.12 -5.64
CA ALA A 52 -23.77 11.92 -6.23
C ALA A 52 -24.46 10.73 -5.55
N ILE A 53 -25.53 11.00 -4.82
CA ILE A 53 -26.23 9.95 -4.10
C ILE A 53 -26.90 8.97 -5.06
N VAL A 54 -26.65 7.68 -4.87
CA VAL A 54 -27.18 6.65 -5.75
C VAL A 54 -28.71 6.79 -5.87
N PRO A 55 -29.21 6.96 -7.11
CA PRO A 55 -30.63 7.26 -7.33
C PRO A 55 -31.61 6.25 -6.74
N ASP A 56 -31.33 4.96 -6.89
CA ASP A 56 -32.26 3.93 -6.40
C ASP A 56 -32.03 3.56 -4.93
N GLY A 57 -31.02 4.16 -4.31
CA GLY A 57 -30.77 3.97 -2.89
C GLY A 57 -30.32 2.57 -2.49
N LYS A 58 -29.79 1.82 -3.46
CA LYS A 58 -29.37 0.44 -3.19
C LYS A 58 -27.86 0.27 -3.20
N TYR A 59 -27.39 -0.78 -2.53
CA TYR A 59 -25.98 -1.14 -2.57
C TYR A 59 -25.61 -1.75 -3.91
N GLY A 60 -26.25 -2.85 -4.27
CA GLY A 60 -26.08 -3.39 -5.61
C GLY A 60 -26.16 -4.89 -5.74
N ALA A 61 -27.07 -5.33 -6.60
CA ALA A 61 -27.20 -6.74 -6.93
C ALA A 61 -27.65 -6.89 -8.37
N ARG A 62 -27.45 -8.07 -8.93
CA ARG A 62 -27.84 -8.34 -10.30
C ARG A 62 -29.29 -8.84 -10.31
N ASP A 63 -30.18 -8.06 -10.92
CA ASP A 63 -31.59 -8.41 -10.94
C ASP A 63 -31.81 -9.79 -11.56
N ALA A 64 -32.58 -10.62 -10.86
CA ALA A 64 -32.80 -12.00 -11.28
C ALA A 64 -33.50 -12.09 -12.63
N ASP A 65 -34.43 -11.19 -12.88
CA ASP A 65 -35.17 -11.20 -14.14
C ASP A 65 -34.38 -10.59 -15.29
N THR A 66 -34.03 -9.32 -15.14
CA THR A 66 -33.41 -8.55 -16.23
C THR A 66 -31.91 -8.78 -16.34
N LYS A 67 -31.30 -9.29 -15.27
CA LYS A 67 -29.85 -9.49 -15.21
C LYS A 67 -29.08 -8.16 -15.22
N ILE A 68 -29.78 -7.08 -14.90
N ILE A 68 -29.78 -7.08 -14.92
CA ILE A 68 -29.16 -5.76 -14.84
CA ILE A 68 -29.16 -5.77 -14.83
C ILE A 68 -28.75 -5.42 -13.40
C ILE A 68 -28.73 -5.47 -13.40
N TRP A 69 -27.55 -4.88 -13.24
CA TRP A 69 -27.07 -4.48 -11.93
C TRP A 69 -27.71 -3.19 -11.47
N ASN A 70 -28.20 -3.17 -10.24
CA ASN A 70 -28.75 -1.95 -9.65
C ASN A 70 -27.80 -1.34 -8.61
N GLY A 71 -28.26 -0.30 -7.91
CA GLY A 71 -27.49 0.33 -6.86
C GLY A 71 -26.20 0.98 -7.32
N MET A 72 -25.27 1.17 -6.38
CA MET A 72 -23.98 1.77 -6.70
C MET A 72 -23.18 0.90 -7.67
N VAL A 73 -23.29 -0.40 -7.53
CA VAL A 73 -22.60 -1.31 -8.45
C VAL A 73 -23.00 -1.01 -9.89
N GLY A 74 -24.30 -0.85 -10.12
CA GLY A 74 -24.80 -0.53 -11.45
C GLY A 74 -24.30 0.82 -11.97
N GLU A 75 -24.24 1.80 -11.08
CA GLU A 75 -23.74 3.12 -11.45
C GLU A 75 -22.34 3.02 -12.05
N LEU A 76 -21.52 2.14 -11.49
CA LEU A 76 -20.17 1.93 -12.00
C LEU A 76 -20.19 1.10 -13.29
N VAL A 77 -20.91 -0.02 -13.26
CA VAL A 77 -20.92 -0.93 -14.40
C VAL A 77 -21.41 -0.25 -15.67
N TYR A 78 -22.41 0.63 -15.54
CA TYR A 78 -23.03 1.26 -16.71
C TYR A 78 -22.57 2.69 -16.99
N GLY A 79 -21.47 3.08 -16.35
CA GLY A 79 -20.80 4.33 -16.70
C GLY A 79 -21.39 5.61 -16.14
N LYS A 80 -22.17 5.50 -15.06
CA LYS A 80 -22.80 6.67 -14.46
C LYS A 80 -21.91 7.31 -13.38
N ALA A 81 -20.91 6.57 -12.92
CA ALA A 81 -19.99 7.09 -11.92
C ALA A 81 -18.62 6.42 -12.07
N GLU A 82 -17.59 7.04 -11.50
CA GLU A 82 -16.22 6.54 -11.65
C GLU A 82 -15.63 5.93 -10.38
N ILE A 83 -16.16 6.30 -9.22
CA ILE A 83 -15.74 5.72 -7.95
C ILE A 83 -16.95 5.57 -7.03
N ALA A 84 -17.03 4.44 -6.34
CA ALA A 84 -18.00 4.31 -5.25
C ALA A 84 -17.25 4.37 -3.92
N ILE A 85 -17.64 5.31 -3.07
CA ILE A 85 -17.05 5.42 -1.74
C ILE A 85 -18.16 5.33 -0.69
N ALA A 86 -18.30 4.14 -0.09
CA ALA A 86 -19.43 3.82 0.76
C ALA A 86 -19.17 2.49 1.46
N PRO A 87 -20.01 2.14 2.45
CA PRO A 87 -19.85 0.84 3.11
C PRO A 87 -20.32 -0.27 2.19
N LEU A 88 -19.59 -0.44 1.09
CA LEU A 88 -19.92 -1.44 0.08
C LEU A 88 -19.06 -2.69 0.26
N THR A 89 -19.70 -3.82 0.55
CA THR A 89 -18.98 -5.04 0.87
C THR A 89 -18.27 -5.69 -0.33
N ILE A 90 -17.02 -6.07 -0.11
CA ILE A 90 -16.24 -6.80 -1.12
C ILE A 90 -16.75 -8.23 -1.23
N THR A 91 -17.29 -8.60 -2.39
CA THR A 91 -17.81 -9.94 -2.60
C THR A 91 -17.38 -10.49 -3.96
N LEU A 92 -17.43 -11.81 -4.10
CA LEU A 92 -17.04 -12.45 -5.36
C LEU A 92 -17.83 -11.92 -6.55
N VAL A 93 -19.16 -11.93 -6.46
CA VAL A 93 -19.97 -11.54 -7.62
C VAL A 93 -19.73 -10.10 -8.04
N ARG A 94 -19.47 -9.22 -7.08
CA ARG A 94 -19.20 -7.83 -7.41
C ARG A 94 -17.79 -7.67 -7.99
N GLU A 95 -16.84 -8.43 -7.45
N GLU A 95 -16.83 -8.41 -7.46
CA GLU A 95 -15.45 -8.36 -7.93
CA GLU A 95 -15.46 -8.36 -7.94
C GLU A 95 -15.36 -8.81 -9.39
C GLU A 95 -15.34 -8.84 -9.38
N GLU A 96 -16.32 -9.61 -9.83
CA GLU A 96 -16.33 -10.08 -11.21
C GLU A 96 -16.71 -8.96 -12.18
N VAL A 97 -17.36 -7.91 -11.68
CA VAL A 97 -17.85 -6.83 -12.55
C VAL A 97 -17.32 -5.43 -12.24
N ILE A 98 -16.77 -5.23 -11.04
CA ILE A 98 -16.06 -4.01 -10.69
C ILE A 98 -14.77 -4.35 -9.92
N ASP A 99 -13.89 -3.37 -9.74
CA ASP A 99 -12.68 -3.57 -8.93
C ASP A 99 -12.83 -2.94 -7.55
N PHE A 100 -12.30 -3.60 -6.53
CA PHE A 100 -12.28 -3.05 -5.17
C PHE A 100 -10.85 -2.78 -4.72
N SER A 101 -10.66 -1.69 -3.97
CA SER A 101 -9.41 -1.45 -3.28
C SER A 101 -9.27 -2.48 -2.16
N LYS A 102 -8.05 -2.60 -1.60
CA LYS A 102 -7.92 -3.31 -0.32
C LYS A 102 -8.95 -2.71 0.67
N PRO A 103 -9.37 -3.50 1.65
CA PRO A 103 -10.46 -3.03 2.54
C PRO A 103 -10.07 -1.84 3.41
N PHE A 104 -11.00 -0.91 3.61
CA PHE A 104 -10.78 0.21 4.51
C PHE A 104 -11.41 0.02 5.89
N MET A 105 -12.26 -0.99 6.03
CA MET A 105 -12.91 -1.29 7.31
C MET A 105 -13.35 -2.75 7.34
N SER A 106 -13.24 -3.39 8.51
CA SER A 106 -13.66 -4.78 8.65
C SER A 106 -15.07 -4.89 9.24
N LEU A 107 -15.79 -5.96 8.89
CA LEU A 107 -17.11 -6.17 9.47
C LEU A 107 -17.59 -7.60 9.31
N GLY A 108 -18.72 -7.92 9.93
CA GLY A 108 -19.37 -9.20 9.73
C GLY A 108 -20.87 -9.04 9.84
N ILE A 109 -21.63 -9.95 9.25
CA ILE A 109 -23.08 -9.92 9.41
C ILE A 109 -23.43 -10.18 10.88
N SER A 110 -24.41 -9.44 11.41
CA SER A 110 -24.78 -9.60 12.82
C SER A 110 -26.30 -9.59 13.02
N ILE A 111 -26.71 -9.78 14.28
CA ILE A 111 -28.13 -9.85 14.61
C ILE A 111 -28.54 -8.67 15.49
N MET A 112 -29.56 -7.93 15.04
CA MET A 112 -30.13 -6.85 15.83
C MET A 112 -31.50 -7.29 16.38
N ILE A 113 -31.69 -7.11 17.68
CA ILE A 113 -32.99 -7.35 18.30
C ILE A 113 -33.42 -6.15 19.11
N LYS A 114 -34.71 -6.06 19.38
CA LYS A 114 -35.20 -5.10 20.34
C LYS A 114 -34.90 -5.64 21.72
N LYS A 115 -34.43 -4.79 22.63
CA LYS A 115 -34.14 -5.24 23.98
C LYS A 115 -35.33 -5.99 24.57
N GLY A 116 -35.07 -7.13 25.18
CA GLY A 116 -36.12 -7.95 25.76
C GLY A 116 -36.47 -9.17 24.92
N THR A 117 -36.16 -9.10 23.63
CA THR A 117 -36.41 -10.22 22.73
C THR A 117 -35.61 -11.45 23.18
N PRO A 118 -36.27 -12.62 23.19
CA PRO A 118 -35.66 -13.88 23.62
C PRO A 118 -34.82 -14.52 22.52
N ILE A 119 -33.77 -13.83 22.09
CA ILE A 119 -32.89 -14.35 21.03
C ILE A 119 -31.44 -14.02 21.38
N GLU A 120 -30.55 -15.00 21.25
CA GLU A 120 -29.15 -14.78 21.57
C GLU A 120 -28.20 -15.25 20.47
N SER A 121 -28.76 -15.86 19.43
CA SER A 121 -27.94 -16.44 18.37
C SER A 121 -28.76 -16.73 17.12
N ALA A 122 -28.06 -17.02 16.03
CA ALA A 122 -28.70 -17.37 14.77
C ALA A 122 -29.48 -18.67 14.93
N GLU A 123 -28.94 -19.59 15.71
CA GLU A 123 -29.61 -20.86 15.97
C GLU A 123 -30.94 -20.64 16.70
N ASP A 124 -30.95 -19.68 17.62
CA ASP A 124 -32.18 -19.33 18.33
C ASP A 124 -33.27 -18.90 17.35
N LEU A 125 -32.90 -18.08 16.37
CA LEU A 125 -33.85 -17.63 15.36
C LEU A 125 -34.38 -18.81 14.55
N ALA A 126 -33.48 -19.72 14.19
CA ALA A 126 -33.81 -20.81 13.29
C ALA A 126 -34.76 -21.85 13.88
N LYS A 127 -34.66 -22.07 15.19
CA LYS A 127 -35.46 -23.11 15.85
C LYS A 127 -36.74 -22.52 16.44
N GLN A 128 -37.30 -21.55 15.73
CA GLN A 128 -38.36 -20.73 16.30
C GLN A 128 -39.14 -19.99 15.21
N THR A 129 -40.42 -19.72 15.45
CA THR A 129 -41.26 -19.12 14.41
C THR A 129 -42.03 -17.87 14.88
N GLU A 130 -42.09 -17.65 16.18
CA GLU A 130 -42.78 -16.49 16.74
C GLU A 130 -42.22 -15.17 16.20
N ILE A 131 -40.90 -15.08 16.20
CA ILE A 131 -40.21 -13.84 15.85
C ILE A 131 -39.72 -13.89 14.41
N ALA A 132 -40.11 -12.89 13.62
CA ALA A 132 -39.69 -12.81 12.23
C ALA A 132 -38.31 -12.16 12.12
N TYR A 133 -37.70 -12.28 10.95
CA TYR A 133 -36.38 -11.68 10.73
C TYR A 133 -36.04 -11.64 9.25
N GLY A 134 -35.27 -10.62 8.85
CA GLY A 134 -34.92 -10.47 7.46
C GLY A 134 -33.68 -9.62 7.26
N THR A 135 -33.41 -9.28 6.00
CA THR A 135 -32.23 -8.52 5.63
C THR A 135 -32.59 -7.38 4.69
N LEU A 136 -31.59 -6.57 4.35
CA LEU A 136 -31.74 -5.61 3.28
C LEU A 136 -31.93 -6.35 1.97
N ASP A 137 -32.69 -5.74 1.06
CA ASP A 137 -32.75 -6.21 -0.32
C ASP A 137 -31.50 -5.75 -1.07
N SER A 138 -31.13 -6.49 -2.11
CA SER A 138 -30.20 -6.00 -3.12
C SER A 138 -28.76 -5.77 -2.65
N GLY A 139 -28.28 -6.61 -1.73
CA GLY A 139 -26.91 -6.49 -1.27
C GLY A 139 -26.27 -7.80 -0.86
N SER A 140 -25.14 -7.70 -0.17
CA SER A 140 -24.33 -8.87 0.18
C SER A 140 -24.96 -9.72 1.28
N THR A 141 -25.72 -9.10 2.16
CA THR A 141 -26.27 -9.85 3.29
C THR A 141 -27.33 -10.85 2.83
N LYS A 142 -28.18 -10.44 1.88
CA LYS A 142 -29.19 -11.34 1.35
C LYS A 142 -28.54 -12.49 0.61
N GLU A 143 -27.56 -12.17 -0.24
CA GLU A 143 -26.83 -13.18 -1.00
C GLU A 143 -26.16 -14.21 -0.10
N PHE A 144 -25.64 -13.76 1.03
CA PHE A 144 -25.00 -14.66 2.00
C PHE A 144 -25.95 -15.80 2.38
N PHE A 145 -27.17 -15.46 2.76
CA PHE A 145 -28.14 -16.47 3.16
C PHE A 145 -28.58 -17.33 1.97
N ARG A 146 -28.77 -16.69 0.82
CA ARG A 146 -29.16 -17.40 -0.39
C ARG A 146 -28.13 -18.47 -0.77
N ARG A 147 -26.86 -18.20 -0.49
CA ARG A 147 -25.77 -19.08 -0.93
C ARG A 147 -25.27 -20.05 0.14
N SER A 148 -25.54 -19.77 1.41
CA SER A 148 -24.95 -20.57 2.47
C SER A 148 -25.24 -22.05 2.31
N LYS A 149 -24.25 -22.88 2.66
CA LYS A 149 -24.44 -24.33 2.69
C LYS A 149 -24.43 -24.80 4.14
N ILE A 150 -24.28 -23.85 5.05
CA ILE A 150 -24.33 -24.14 6.47
C ILE A 150 -25.77 -24.40 6.89
N ALA A 151 -25.98 -25.45 7.68
CA ALA A 151 -27.31 -25.92 8.04
C ALA A 151 -28.21 -24.82 8.60
N VAL A 152 -27.74 -24.16 9.65
CA VAL A 152 -28.52 -23.14 10.33
C VAL A 152 -28.93 -21.99 9.39
N TYR A 153 -28.00 -21.54 8.56
CA TYR A 153 -28.26 -20.41 7.66
C TYR A 153 -29.12 -20.83 6.46
N GLU A 154 -29.05 -22.11 6.10
CA GLU A 154 -29.90 -22.62 5.03
C GLU A 154 -31.35 -22.64 5.49
N LYS A 155 -31.55 -23.02 6.75
CA LYS A 155 -32.87 -23.06 7.34
C LYS A 155 -33.42 -21.64 7.40
N MET A 156 -32.57 -20.70 7.81
CA MET A 156 -32.97 -19.30 7.87
C MET A 156 -33.37 -18.76 6.50
N TRP A 157 -32.64 -19.16 5.46
CA TRP A 157 -32.94 -18.71 4.10
C TRP A 157 -34.28 -19.27 3.61
N THR A 158 -34.51 -20.55 3.83
CA THR A 158 -35.76 -21.17 3.39
C THR A 158 -36.97 -20.46 3.99
N TYR A 159 -36.85 -20.05 5.24
CA TYR A 159 -37.89 -19.26 5.88
C TYR A 159 -38.04 -17.88 5.24
N MET A 160 -36.95 -17.12 5.20
CA MET A 160 -37.01 -15.73 4.75
C MET A 160 -37.51 -15.56 3.33
N ARG A 161 -37.08 -16.43 2.43
CA ARG A 161 -37.42 -16.27 1.02
C ARG A 161 -38.93 -16.38 0.76
N SER A 162 -39.65 -17.01 1.68
N SER A 162 -39.65 -17.02 1.70
CA SER A 162 -41.10 -17.20 1.50
CA SER A 162 -41.08 -17.24 1.54
C SER A 162 -41.95 -16.53 2.58
C SER A 162 -41.90 -16.70 2.71
N ALA A 163 -41.31 -15.81 3.50
CA ALA A 163 -42.02 -15.21 4.63
C ALA A 163 -43.04 -14.16 4.21
N GLU A 164 -44.16 -14.12 4.95
CA GLU A 164 -45.23 -13.16 4.72
C GLU A 164 -45.70 -12.57 6.04
N PRO A 165 -45.76 -11.24 6.12
CA PRO A 165 -45.38 -10.34 5.02
C PRO A 165 -43.88 -10.37 4.78
N SER A 166 -43.45 -9.90 3.61
CA SER A 166 -42.03 -9.94 3.23
C SER A 166 -41.13 -9.33 4.31
N VAL A 167 -40.05 -10.03 4.62
CA VAL A 167 -39.13 -9.60 5.67
C VAL A 167 -37.96 -8.79 5.13
N PHE A 168 -37.88 -8.65 3.82
CA PHE A 168 -36.78 -7.90 3.22
C PHE A 168 -37.05 -6.40 3.24
N THR A 169 -35.99 -5.62 3.42
CA THR A 169 -36.14 -4.20 3.70
C THR A 169 -35.40 -3.31 2.72
N ARG A 170 -35.84 -2.06 2.61
CA ARG A 170 -35.31 -1.14 1.61
C ARG A 170 -34.00 -0.47 2.05
N THR A 171 -33.95 -0.06 3.32
CA THR A 171 -32.78 0.62 3.87
C THR A 171 -32.55 0.11 5.27
N THR A 172 -31.38 0.34 5.84
CA THR A 172 -31.13 -0.12 7.20
C THR A 172 -32.02 0.64 8.18
N ALA A 173 -32.25 1.92 7.89
CA ALA A 173 -33.10 2.75 8.75
C ALA A 173 -34.50 2.16 8.89
N GLU A 174 -35.02 1.61 7.80
CA GLU A 174 -36.35 1.01 7.82
C GLU A 174 -36.34 -0.34 8.51
N GLY A 175 -35.22 -1.04 8.42
CA GLY A 175 -35.07 -2.30 9.14
C GLY A 175 -35.06 -2.03 10.64
N VAL A 176 -34.30 -1.02 11.03
CA VAL A 176 -34.21 -0.64 12.43
C VAL A 176 -35.57 -0.19 12.95
N ALA A 177 -36.33 0.50 12.09
CA ALA A 177 -37.66 0.98 12.48
C ALA A 177 -38.62 -0.20 12.68
N ARG A 178 -38.49 -1.21 11.85
CA ARG A 178 -39.33 -2.40 11.95
C ARG A 178 -39.03 -3.18 13.24
N VAL A 179 -37.75 -3.23 13.61
CA VAL A 179 -37.37 -3.82 14.89
C VAL A 179 -38.00 -3.05 16.07
N ARG A 180 -37.95 -1.73 16.00
CA ARG A 180 -38.48 -0.89 17.06
C ARG A 180 -40.02 -0.95 17.14
N LYS A 181 -40.67 -0.96 15.98
CA LYS A 181 -42.14 -0.92 15.92
C LYS A 181 -42.79 -2.29 16.11
N SER A 182 -42.02 -3.36 15.93
CA SER A 182 -42.58 -4.70 16.03
C SER A 182 -42.58 -5.23 17.45
N LYS A 183 -42.18 -4.38 18.39
CA LYS A 183 -42.23 -4.71 19.82
C LYS A 183 -41.61 -6.06 20.14
N GLY A 184 -40.56 -6.44 19.41
CA GLY A 184 -39.83 -7.64 19.70
C GLY A 184 -40.13 -8.81 18.78
N LYS A 185 -41.03 -8.61 17.83
CA LYS A 185 -41.43 -9.68 16.93
C LYS A 185 -40.70 -9.65 15.59
N PHE A 186 -39.72 -8.76 15.48
CA PHE A 186 -38.87 -8.73 14.29
C PHE A 186 -37.41 -8.55 14.70
N ALA A 187 -36.54 -9.36 14.09
CA ALA A 187 -35.09 -9.22 14.26
C ALA A 187 -34.50 -8.90 12.90
N PHE A 188 -33.43 -8.10 12.88
CA PHE A 188 -32.89 -7.58 11.65
C PHE A 188 -31.45 -8.01 11.47
N LEU A 189 -31.14 -8.60 10.32
CA LEU A 189 -29.79 -9.06 10.03
C LEU A 189 -29.06 -7.99 9.22
N LEU A 190 -28.07 -7.35 9.86
CA LEU A 190 -27.30 -6.30 9.23
C LEU A 190 -25.85 -6.36 9.71
N GLU A 191 -24.98 -5.59 9.05
CA GLU A 191 -23.56 -5.68 9.36
C GLU A 191 -23.19 -5.01 10.70
N SER A 192 -22.17 -5.57 11.36
CA SER A 192 -21.76 -5.17 12.71
C SER A 192 -21.50 -3.67 12.87
N THR A 193 -20.95 -3.05 11.83
CA THR A 193 -20.66 -1.62 11.85
C THR A 193 -21.94 -0.79 12.14
N MET A 194 -23.02 -1.11 11.43
CA MET A 194 -24.29 -0.41 11.63
C MET A 194 -24.94 -0.81 12.95
N ASN A 195 -24.87 -2.10 13.27
CA ASN A 195 -25.47 -2.62 14.49
C ASN A 195 -24.89 -1.92 15.72
N GLU A 196 -23.57 -1.82 15.76
CA GLU A 196 -22.88 -1.23 16.92
C GLU A 196 -23.11 0.28 17.03
N TYR A 197 -23.18 0.95 15.90
CA TYR A 197 -23.41 2.39 15.90
C TYR A 197 -24.78 2.70 16.48
N ILE A 198 -25.79 1.96 16.02
CA ILE A 198 -27.18 2.18 16.40
C ILE A 198 -27.43 1.81 17.87
N GLU A 199 -26.76 0.78 18.34
CA GLU A 199 -26.92 0.29 19.70
C GLU A 199 -26.50 1.33 20.75
N GLN A 200 -25.57 2.20 20.39
CA GLN A 200 -25.02 3.16 21.35
C GLN A 200 -25.69 4.52 21.30
N ARG A 201 -26.77 4.64 20.55
CA ARG A 201 -27.47 5.91 20.45
C ARG A 201 -28.95 5.81 20.81
N LYS A 202 -29.52 6.91 21.26
CA LYS A 202 -30.94 6.96 21.60
C LYS A 202 -31.75 6.49 20.40
N PRO A 203 -32.92 5.88 20.66
CA PRO A 203 -33.54 5.68 21.97
C PRO A 203 -33.00 4.49 22.77
N CYS A 204 -31.83 3.97 22.38
CA CYS A 204 -31.16 2.92 23.16
C CYS A 204 -32.03 1.69 23.41
N ASP A 205 -32.77 1.24 22.41
CA ASP A 205 -33.69 0.11 22.60
C ASP A 205 -33.37 -1.11 21.76
N THR A 206 -32.24 -1.07 21.05
CA THR A 206 -31.80 -2.23 20.27
C THR A 206 -30.43 -2.70 20.74
N MET A 207 -30.05 -3.91 20.34
CA MET A 207 -28.75 -4.43 20.70
C MET A 207 -28.32 -5.56 19.79
N LYS A 208 -27.00 -5.72 19.67
CA LYS A 208 -26.43 -6.82 18.89
C LYS A 208 -26.35 -8.05 19.78
N VAL A 209 -26.72 -9.22 19.24
CA VAL A 209 -26.60 -10.45 20.00
C VAL A 209 -25.82 -11.52 19.23
N GLY A 210 -24.93 -12.22 19.95
CA GLY A 210 -24.10 -13.24 19.34
C GLY A 210 -22.91 -12.62 18.63
N GLY A 211 -22.03 -13.47 18.11
CA GLY A 211 -20.90 -13.00 17.34
C GLY A 211 -21.29 -12.80 15.89
N ASN A 212 -20.36 -12.29 15.10
CA ASN A 212 -20.62 -12.09 13.68
C ASN A 212 -20.73 -13.43 12.96
N LEU A 213 -21.55 -13.47 11.92
CA LEU A 213 -21.72 -14.68 11.14
C LEU A 213 -20.56 -14.92 10.19
N ASP A 214 -19.84 -13.84 9.85
CA ASP A 214 -18.68 -13.95 8.98
C ASP A 214 -17.69 -12.81 9.22
N SER A 215 -16.65 -12.77 8.39
CA SER A 215 -15.62 -11.75 8.50
C SER A 215 -15.17 -11.31 7.11
N LYS A 216 -15.35 -10.01 6.82
CA LYS A 216 -15.05 -9.47 5.51
C LYS A 216 -14.75 -7.98 5.63
N GLY A 217 -14.81 -7.26 4.51
CA GLY A 217 -14.46 -5.86 4.51
C GLY A 217 -15.21 -5.01 3.48
N TYR A 218 -15.14 -3.69 3.66
CA TYR A 218 -15.60 -2.75 2.64
C TYR A 218 -14.41 -2.27 1.83
N GLY A 219 -14.62 -2.03 0.54
CA GLY A 219 -13.58 -1.47 -0.31
C GLY A 219 -14.12 -0.35 -1.17
N VAL A 220 -13.22 0.51 -1.65
CA VAL A 220 -13.58 1.55 -2.59
C VAL A 220 -13.60 0.93 -3.99
N ALA A 221 -14.65 1.19 -4.76
CA ALA A 221 -14.81 0.49 -6.04
C ALA A 221 -14.68 1.42 -7.25
N THR A 222 -14.18 0.85 -8.34
CA THR A 222 -14.02 1.57 -9.59
C THR A 222 -14.44 0.62 -10.71
N PRO A 223 -14.88 1.18 -11.84
CA PRO A 223 -15.30 0.34 -12.99
C PRO A 223 -14.10 -0.36 -13.61
N LYS A 224 -14.33 -1.55 -14.19
CA LYS A 224 -13.25 -2.26 -14.87
C LYS A 224 -12.55 -1.37 -15.88
N GLY A 225 -11.22 -1.46 -15.94
CA GLY A 225 -10.44 -0.69 -16.90
C GLY A 225 -10.19 0.76 -16.51
N SER A 226 -10.64 1.16 -15.32
CA SER A 226 -10.45 2.54 -14.88
C SER A 226 -8.99 2.88 -14.61
N SER A 227 -8.57 4.08 -15.00
CA SER A 227 -7.22 4.52 -14.72
C SER A 227 -7.05 4.90 -13.24
N LEU A 228 -8.15 4.95 -12.50
CA LEU A 228 -8.12 5.33 -11.09
C LEU A 228 -7.89 4.15 -10.16
N ARG A 229 -7.97 2.94 -10.70
CA ARG A 229 -7.89 1.73 -9.88
C ARG A 229 -6.65 1.68 -8.99
N THR A 230 -5.48 1.82 -9.57
CA THR A 230 -4.26 1.67 -8.79
C THR A 230 -4.02 2.85 -7.84
N PRO A 231 -4.19 4.09 -8.32
CA PRO A 231 -4.04 5.22 -7.39
C PRO A 231 -4.98 5.12 -6.20
N VAL A 232 -6.20 4.65 -6.43
CA VAL A 232 -7.17 4.49 -5.35
C VAL A 232 -6.70 3.42 -4.37
N ASN A 233 -6.21 2.29 -4.89
CA ASN A 233 -5.74 1.21 -4.04
C ASN A 233 -4.56 1.65 -3.18
N LEU A 234 -3.60 2.35 -3.77
CA LEU A 234 -2.44 2.81 -3.03
C LEU A 234 -2.80 3.89 -2.00
N ALA A 235 -3.80 4.69 -2.31
CA ALA A 235 -4.27 5.72 -1.38
C ALA A 235 -4.89 5.09 -0.13
N VAL A 236 -5.67 4.03 -0.33
CA VAL A 236 -6.31 3.39 0.81
C VAL A 236 -5.27 2.76 1.74
N LEU A 237 -4.28 2.09 1.18
CA LEU A 237 -3.23 1.48 2.00
C LEU A 237 -2.40 2.55 2.71
N LYS A 238 -2.12 3.65 2.02
CA LYS A 238 -1.36 4.74 2.60
C LYS A 238 -2.11 5.34 3.78
N LEU A 239 -3.40 5.63 3.57
CA LEU A 239 -4.26 6.16 4.64
C LEU A 239 -4.33 5.20 5.83
N SER A 240 -4.41 3.90 5.54
CA SER A 240 -4.42 2.88 6.58
C SER A 240 -3.15 2.91 7.43
N GLU A 241 -2.00 2.89 6.75
CA GLU A 241 -0.72 2.82 7.44
C GLU A 241 -0.35 4.13 8.15
N ALA A 242 -1.02 5.21 7.76
CA ALA A 242 -0.78 6.53 8.35
C ALA A 242 -1.69 6.77 9.57
N GLY A 243 -2.56 5.81 9.84
CA GLY A 243 -3.45 5.88 10.98
C GLY A 243 -4.71 6.68 10.71
N VAL A 244 -4.89 7.16 9.49
CA VAL A 244 -6.01 8.02 9.15
C VAL A 244 -7.38 7.29 9.23
N LEU A 245 -7.44 6.05 8.74
CA LEU A 245 -8.69 5.30 8.81
C LEU A 245 -9.08 5.08 10.27
N ASP A 246 -8.08 4.83 11.12
CA ASP A 246 -8.31 4.70 12.56
C ASP A 246 -8.90 5.98 13.13
N LYS A 247 -8.29 7.12 12.79
CA LYS A 247 -8.75 8.42 13.24
C LYS A 247 -10.21 8.66 12.85
N LEU A 248 -10.55 8.33 11.61
CA LEU A 248 -11.92 8.51 11.10
C LEU A 248 -12.93 7.59 11.79
N LYS A 249 -12.53 6.35 12.04
CA LYS A 249 -13.41 5.39 12.69
C LYS A 249 -13.73 5.83 14.12
N ASN A 250 -12.71 6.27 14.85
N ASN A 250 -12.69 6.23 14.86
CA ASN A 250 -12.89 6.69 16.24
CA ASN A 250 -12.85 6.73 16.22
C ASN A 250 -13.65 8.02 16.34
C ASN A 250 -13.76 7.94 16.25
N LYS A 251 -13.52 8.86 15.32
CA LYS A 251 -14.27 10.10 15.24
C LYS A 251 -15.77 9.88 15.05
N TRP A 252 -16.14 9.04 14.08
CA TRP A 252 -17.54 8.89 13.71
C TRP A 252 -18.31 7.84 14.53
N TRP A 253 -17.58 7.01 15.27
CA TRP A 253 -18.22 6.01 16.11
C TRP A 253 -18.03 6.33 17.59
N TYR A 254 -17.49 7.50 17.89
CA TYR A 254 -17.21 7.85 19.27
C TYR A 254 -18.46 7.75 20.12
N ASP A 255 -18.37 7.00 21.22
CA ASP A 255 -19.50 6.78 22.11
C ASP A 255 -19.57 7.92 23.12
N LYS A 256 -20.55 8.80 22.93
CA LYS A 256 -20.75 9.92 23.84
C LYS A 256 -21.63 9.50 25.00
N GLY A 257 -21.84 8.20 25.14
CA GLY A 257 -22.60 7.65 26.25
C GLY A 257 -24.05 8.05 26.29
N GLU A 258 -24.68 8.17 25.12
CA GLU A 258 -26.11 8.45 25.05
C GLU A 258 -26.87 7.32 25.74
N CYS A 259 -26.23 6.16 25.82
CA CYS A 259 -26.84 4.99 26.43
C CYS A 259 -26.00 4.52 27.62
N GLY B 1 -0.70 -27.21 -17.73
CA GLY B 1 0.40 -26.37 -18.20
C GLY B 1 1.68 -26.60 -17.41
N ARG B 2 2.47 -25.55 -17.25
CA ARG B 2 3.71 -25.64 -16.49
C ARG B 2 3.38 -25.92 -15.02
N THR B 3 4.34 -26.47 -14.29
CA THR B 3 4.22 -26.58 -12.85
C THR B 3 4.58 -25.22 -12.24
N VAL B 4 3.63 -24.61 -11.56
CA VAL B 4 3.79 -23.27 -11.01
C VAL B 4 4.65 -23.29 -9.75
N VAL B 5 5.66 -22.42 -9.69
CA VAL B 5 6.49 -22.34 -8.49
C VAL B 5 5.87 -21.43 -7.43
N VAL B 6 5.61 -22.00 -6.25
CA VAL B 6 5.02 -21.27 -5.14
C VAL B 6 6.09 -21.03 -4.07
N THR B 7 6.41 -19.77 -3.82
CA THR B 7 7.34 -19.46 -2.74
C THR B 7 6.59 -19.36 -1.42
N THR B 8 7.21 -19.88 -0.37
CA THR B 8 6.63 -19.78 0.96
C THR B 8 7.73 -19.87 2.01
N ILE B 9 7.34 -19.92 3.27
CA ILE B 9 8.32 -19.84 4.34
C ILE B 9 7.97 -20.82 5.46
N MET B 10 8.99 -21.37 6.12
CA MET B 10 8.75 -22.28 7.24
C MET B 10 8.35 -21.48 8.47
N GLU B 11 7.08 -21.57 8.84
CA GLU B 11 6.51 -20.79 9.93
C GLU B 11 5.26 -21.51 10.45
N SER B 12 5.31 -21.98 11.69
CA SER B 12 4.19 -22.74 12.25
C SER B 12 3.07 -21.82 12.72
N PRO B 13 1.81 -22.20 12.46
CA PRO B 13 1.34 -23.42 11.78
C PRO B 13 0.97 -23.21 10.31
N TYR B 14 1.61 -22.25 9.64
CA TYR B 14 1.33 -22.02 8.22
C TYR B 14 1.97 -23.07 7.33
N VAL B 15 3.28 -23.28 7.50
CA VAL B 15 4.01 -24.32 6.78
C VAL B 15 4.95 -25.03 7.75
N MET B 16 4.77 -26.35 7.88
CA MET B 16 5.56 -27.15 8.80
C MET B 16 5.93 -28.46 8.12
N TYR B 17 7.04 -29.07 8.55
CA TYR B 17 7.36 -30.42 8.12
C TYR B 17 6.42 -31.41 8.80
N LYS B 18 5.94 -32.39 8.05
CA LYS B 18 5.24 -33.51 8.64
C LYS B 18 6.22 -34.29 9.51
N LYS B 19 5.67 -35.07 10.44
N LYS B 19 5.68 -35.03 10.48
CA LYS B 19 6.46 -36.08 11.12
CA LYS B 19 6.48 -35.77 11.46
C LYS B 19 6.91 -37.08 10.05
C LYS B 19 7.58 -36.60 10.81
N ASN B 20 8.19 -37.44 10.07
N ASN B 20 7.20 -37.44 9.85
CA ASN B 20 8.74 -38.37 9.08
CA ASN B 20 8.15 -38.24 9.11
C ASN B 20 8.67 -37.84 7.65
C ASN B 20 8.25 -37.74 7.67
N HIS B 21 8.75 -36.52 7.52
CA HIS B 21 8.74 -35.85 6.22
C HIS B 21 9.75 -36.45 5.23
N GLU B 22 10.79 -37.09 5.74
CA GLU B 22 11.81 -37.68 4.88
C GLU B 22 11.23 -38.77 3.97
N MET B 23 10.10 -39.34 4.37
CA MET B 23 9.44 -40.40 3.61
C MET B 23 8.54 -39.87 2.50
N PHE B 24 8.46 -38.55 2.38
CA PHE B 24 7.61 -37.91 1.36
C PHE B 24 8.42 -37.12 0.34
N GLU B 25 7.84 -36.91 -0.83
CA GLU B 25 8.47 -36.13 -1.88
C GLU B 25 7.77 -34.79 -2.09
N GLY B 26 8.55 -33.75 -2.37
CA GLY B 26 8.01 -32.45 -2.75
C GLY B 26 6.96 -31.90 -1.79
N ASN B 27 5.79 -31.55 -2.33
CA ASN B 27 4.75 -30.89 -1.55
C ASN B 27 4.28 -31.75 -0.37
N ASP B 28 4.32 -33.06 -0.54
CA ASP B 28 3.84 -33.97 0.50
C ASP B 28 4.68 -34.00 1.77
N LYS B 29 5.82 -33.29 1.76
CA LYS B 29 6.64 -33.19 2.96
C LYS B 29 6.04 -32.22 3.97
N TYR B 30 5.12 -31.38 3.52
CA TYR B 30 4.67 -30.24 4.32
C TYR B 30 3.19 -30.32 4.72
N GLU B 31 2.86 -29.61 5.80
CA GLU B 31 1.48 -29.46 6.22
C GLU B 31 1.30 -28.12 6.90
N GLY B 32 0.05 -27.67 7.02
CA GLY B 32 -0.22 -26.39 7.65
C GLY B 32 -1.29 -25.61 6.92
N TYR B 33 -1.65 -24.47 7.49
CA TYR B 33 -2.68 -23.62 6.93
C TYR B 33 -2.39 -23.24 5.48
N CYS B 34 -1.18 -22.78 5.20
CA CYS B 34 -0.86 -22.29 3.85
C CYS B 34 -0.67 -23.43 2.86
N VAL B 35 -0.26 -24.59 3.36
CA VAL B 35 -0.23 -25.80 2.56
C VAL B 35 -1.65 -26.16 2.12
N ASP B 36 -2.59 -26.10 3.06
CA ASP B 36 -3.99 -26.35 2.76
C ASP B 36 -4.56 -25.29 1.83
N LEU B 37 -4.20 -24.02 2.07
CA LEU B 37 -4.68 -22.93 1.21
C LEU B 37 -4.20 -23.07 -0.23
N ALA B 38 -2.92 -23.37 -0.41
CA ALA B 38 -2.36 -23.59 -1.73
C ALA B 38 -3.14 -24.68 -2.47
N SER B 39 -3.41 -25.77 -1.78
N SER B 39 -3.41 -25.78 -1.78
CA SER B 39 -4.17 -26.88 -2.35
CA SER B 39 -4.18 -26.88 -2.34
C SER B 39 -5.55 -26.43 -2.82
C SER B 39 -5.54 -26.39 -2.83
N GLU B 40 -6.23 -25.65 -1.97
CA GLU B 40 -7.57 -25.15 -2.30
C GLU B 40 -7.55 -24.19 -3.48
N ILE B 41 -6.58 -23.28 -3.50
CA ILE B 41 -6.49 -22.33 -4.60
C ILE B 41 -6.17 -23.02 -5.91
N ALA B 42 -5.20 -23.94 -5.88
CA ALA B 42 -4.77 -24.65 -7.08
C ALA B 42 -5.93 -25.43 -7.69
N LYS B 43 -6.75 -26.01 -6.82
CA LYS B 43 -7.93 -26.74 -7.25
C LYS B 43 -8.92 -25.83 -7.97
N HIS B 44 -9.11 -24.62 -7.42
CA HIS B 44 -10.04 -23.67 -8.00
C HIS B 44 -9.58 -23.13 -9.36
N ILE B 45 -8.31 -22.75 -9.44
CA ILE B 45 -7.82 -22.12 -10.66
C ILE B 45 -7.19 -23.11 -11.65
N GLY B 46 -7.06 -24.36 -11.22
CA GLY B 46 -6.63 -25.44 -12.08
C GLY B 46 -5.17 -25.42 -12.49
N ILE B 47 -4.27 -25.40 -11.50
CA ILE B 47 -2.85 -25.44 -11.80
C ILE B 47 -2.14 -26.56 -11.05
N LYS B 48 -1.00 -26.99 -11.60
CA LYS B 48 -0.06 -27.84 -10.89
C LYS B 48 0.98 -26.91 -10.27
N TYR B 49 1.47 -27.25 -9.09
CA TYR B 49 2.39 -26.36 -8.40
C TYR B 49 3.45 -27.09 -7.59
N LYS B 50 4.55 -26.39 -7.32
CA LYS B 50 5.60 -26.93 -6.47
C LYS B 50 5.97 -25.92 -5.40
N ILE B 51 5.83 -26.33 -4.13
CA ILE B 51 6.26 -25.50 -3.02
C ILE B 51 7.79 -25.40 -2.98
N ALA B 52 8.30 -24.17 -2.95
CA ALA B 52 9.73 -23.93 -2.75
C ALA B 52 9.94 -22.97 -1.58
N ILE B 53 10.61 -23.44 -0.54
CA ILE B 53 10.85 -22.61 0.64
C ILE B 53 11.86 -21.53 0.32
N VAL B 54 11.54 -20.29 0.66
CA VAL B 54 12.39 -19.16 0.33
C VAL B 54 13.81 -19.37 0.88
N PRO B 55 14.82 -19.30 0.01
CA PRO B 55 16.18 -19.65 0.42
C PRO B 55 16.75 -18.80 1.58
N ASP B 56 16.48 -17.50 1.59
CA ASP B 56 17.03 -16.65 2.66
C ASP B 56 16.18 -16.60 3.93
N GLY B 57 15.04 -17.30 3.92
CA GLY B 57 14.21 -17.40 5.11
C GLY B 57 13.52 -16.11 5.53
N LYS B 58 13.46 -15.13 4.62
CA LYS B 58 12.88 -13.82 4.93
C LYS B 58 11.51 -13.56 4.29
N TYR B 59 10.79 -12.58 4.84
CA TYR B 59 9.47 -12.22 4.30
C TYR B 59 9.59 -11.31 3.08
N GLY B 60 10.28 -10.18 3.25
CA GLY B 60 10.58 -9.33 2.11
C GLY B 60 10.68 -7.86 2.43
N ALA B 61 11.86 -7.31 2.20
CA ALA B 61 12.10 -5.88 2.33
C ALA B 61 13.27 -5.54 1.41
N ARG B 62 13.65 -4.27 1.37
CA ARG B 62 14.81 -3.87 0.56
C ARG B 62 16.08 -3.97 1.39
N ASP B 63 17.14 -4.51 0.82
CA ASP B 63 18.44 -4.47 1.50
C ASP B 63 18.81 -3.01 1.68
N ALA B 64 19.22 -2.64 2.90
CA ALA B 64 19.47 -1.24 3.21
C ALA B 64 20.55 -0.60 2.33
N ASP B 65 21.54 -1.38 1.96
CA ASP B 65 22.68 -0.83 1.21
C ASP B 65 22.50 -0.86 -0.32
N THR B 66 21.88 -1.92 -0.83
CA THR B 66 21.72 -2.06 -2.29
C THR B 66 20.31 -1.72 -2.75
N LYS B 67 19.36 -1.83 -1.82
CA LYS B 67 17.92 -1.60 -2.09
C LYS B 67 17.25 -2.74 -2.85
N ILE B 68 17.99 -3.83 -3.06
CA ILE B 68 17.46 -5.01 -3.73
C ILE B 68 16.50 -5.75 -2.79
N TRP B 69 15.36 -6.18 -3.32
CA TRP B 69 14.36 -6.89 -2.52
C TRP B 69 14.83 -8.28 -2.12
N ASN B 70 14.64 -8.62 -0.85
CA ASN B 70 14.94 -9.97 -0.39
C ASN B 70 13.69 -10.79 -0.09
N GLY B 71 13.87 -11.98 0.48
CA GLY B 71 12.77 -12.80 0.92
C GLY B 71 11.81 -13.21 -0.17
N MET B 72 10.58 -13.52 0.21
CA MET B 72 9.58 -14.00 -0.74
C MET B 72 9.23 -12.93 -1.76
N VAL B 73 9.18 -11.68 -1.33
CA VAL B 73 8.85 -10.60 -2.26
C VAL B 73 9.88 -10.55 -3.38
N GLY B 74 11.15 -10.62 -3.00
CA GLY B 74 12.23 -10.69 -3.98
C GLY B 74 12.10 -11.85 -4.96
N GLU B 75 11.71 -13.03 -4.46
CA GLU B 75 11.53 -14.19 -5.33
C GLU B 75 10.52 -13.89 -6.45
N LEU B 76 9.46 -13.17 -6.09
CA LEU B 76 8.44 -12.79 -7.07
C LEU B 76 8.91 -11.70 -8.01
N VAL B 77 9.55 -10.67 -7.47
CA VAL B 77 9.95 -9.52 -8.27
C VAL B 77 10.95 -9.93 -9.35
N TYR B 78 11.86 -10.84 -9.02
CA TYR B 78 13.00 -11.13 -9.90
C TYR B 78 12.84 -12.37 -10.77
N GLY B 79 11.68 -13.03 -10.66
CA GLY B 79 11.33 -14.10 -11.58
C GLY B 79 11.46 -15.53 -11.09
N LYS B 80 11.84 -15.71 -9.83
CA LYS B 80 12.14 -17.04 -9.31
C LYS B 80 10.91 -17.81 -8.81
N ALA B 81 9.81 -17.11 -8.61
CA ALA B 81 8.56 -17.76 -8.20
C ALA B 81 7.38 -17.05 -8.85
N GLU B 82 6.26 -17.75 -8.96
CA GLU B 82 5.07 -17.22 -9.63
C GLU B 82 3.95 -16.85 -8.66
N ILE B 83 3.98 -17.42 -7.45
CA ILE B 83 3.01 -17.09 -6.41
C ILE B 83 3.66 -17.23 -5.04
N ALA B 84 3.33 -16.33 -4.12
CA ALA B 84 3.69 -16.51 -2.72
C ALA B 84 2.43 -16.81 -1.93
N ILE B 85 2.46 -17.91 -1.18
CA ILE B 85 1.34 -18.29 -0.32
C ILE B 85 1.89 -18.49 1.08
N ALA B 86 1.70 -17.49 1.93
CA ALA B 86 2.39 -17.40 3.22
C ALA B 86 1.74 -16.34 4.11
N PRO B 87 2.14 -16.28 5.39
CA PRO B 87 1.65 -15.18 6.22
C PRO B 87 2.39 -13.89 5.89
N LEU B 88 2.19 -13.42 4.66
CA LEU B 88 2.85 -12.24 4.12
C LEU B 88 1.92 -11.03 4.22
N THR B 89 2.33 -10.03 4.99
CA THR B 89 1.45 -8.91 5.29
C THR B 89 1.27 -7.95 4.12
N ILE B 90 0.02 -7.56 3.87
CA ILE B 90 -0.29 -6.62 2.80
C ILE B 90 0.09 -5.21 3.23
N THR B 91 1.10 -4.65 2.57
CA THR B 91 1.59 -3.31 2.88
C THR B 91 1.73 -2.47 1.62
N LEU B 92 1.73 -1.15 1.79
CA LEU B 92 1.88 -0.24 0.66
C LEU B 92 3.20 -0.48 -0.05
N VAL B 93 4.29 -0.55 0.71
CA VAL B 93 5.62 -0.65 0.10
C VAL B 93 5.74 -1.92 -0.74
N ARG B 94 5.07 -2.99 -0.32
CA ARG B 94 5.08 -4.25 -1.08
C ARG B 94 4.12 -4.20 -2.27
N GLU B 95 2.93 -3.64 -2.05
CA GLU B 95 1.92 -3.54 -3.11
C GLU B 95 2.43 -2.73 -4.29
N GLU B 96 3.44 -1.90 -4.07
CA GLU B 96 4.02 -1.10 -5.14
C GLU B 96 4.87 -1.94 -6.11
N VAL B 97 5.31 -3.12 -5.66
CA VAL B 97 6.21 -3.95 -6.48
C VAL B 97 5.65 -5.33 -6.84
N ILE B 98 4.65 -5.79 -6.08
N ILE B 98 4.66 -5.79 -6.07
CA ILE B 98 3.95 -7.04 -6.38
CA ILE B 98 3.94 -7.03 -6.39
C ILE B 98 2.45 -6.82 -6.18
C ILE B 98 2.44 -6.82 -6.19
N ASP B 99 1.62 -7.76 -6.65
CA ASP B 99 0.16 -7.66 -6.43
C ASP B 99 -0.32 -8.62 -5.32
N PHE B 100 -1.17 -8.13 -4.44
CA PHE B 100 -1.77 -8.96 -3.40
C PHE B 100 -3.22 -9.27 -3.75
N SER B 101 -3.68 -10.47 -3.40
CA SER B 101 -5.10 -10.78 -3.42
C SER B 101 -5.78 -10.04 -2.27
N LYS B 102 -7.11 -10.06 -2.24
CA LYS B 102 -7.82 -9.63 -1.05
C LYS B 102 -7.34 -10.50 0.11
N PRO B 103 -7.41 -9.97 1.33
CA PRO B 103 -6.84 -10.68 2.49
C PRO B 103 -7.51 -12.02 2.79
N PHE B 104 -6.71 -13.03 3.16
CA PHE B 104 -7.26 -14.31 3.57
C PHE B 104 -7.29 -14.52 5.09
N MET B 105 -6.60 -13.65 5.83
CA MET B 105 -6.59 -13.72 7.30
C MET B 105 -6.33 -12.34 7.90
N SER B 106 -6.95 -12.06 9.03
CA SER B 106 -6.74 -10.80 9.75
C SER B 106 -5.75 -10.97 10.90
N LEU B 107 -5.00 -9.90 11.19
CA LEU B 107 -4.05 -9.92 12.31
C LEU B 107 -3.67 -8.50 12.72
N GLY B 108 -2.95 -8.41 13.84
CA GLY B 108 -2.34 -7.16 14.26
C GLY B 108 -1.03 -7.44 14.95
N ILE B 109 -0.17 -6.43 15.03
CA ILE B 109 1.05 -6.54 15.81
C ILE B 109 0.66 -6.68 17.28
N SER B 110 1.37 -7.56 18.00
CA SER B 110 1.06 -7.84 19.40
C SER B 110 2.33 -8.00 20.24
N ILE B 111 2.17 -8.05 21.55
CA ILE B 111 3.29 -8.16 22.47
C ILE B 111 3.34 -9.55 23.10
N MET B 112 4.50 -10.19 22.99
CA MET B 112 4.76 -11.46 23.65
C MET B 112 5.73 -11.30 24.81
N ILE B 113 5.33 -11.76 25.99
CA ILE B 113 6.21 -11.77 27.15
C ILE B 113 6.28 -13.18 27.73
N LYS B 114 7.34 -13.43 28.49
CA LYS B 114 7.41 -14.63 29.32
C LYS B 114 6.51 -14.44 30.54
N LYS B 115 5.69 -15.44 30.82
CA LYS B 115 4.75 -15.35 31.95
C LYS B 115 5.46 -14.82 33.21
N GLY B 116 4.84 -13.85 33.87
CA GLY B 116 5.42 -13.26 35.07
C GLY B 116 6.01 -11.89 34.85
N THR B 117 6.44 -11.61 33.61
CA THR B 117 7.03 -10.32 33.26
C THR B 117 6.10 -9.16 33.61
N PRO B 118 6.64 -8.13 34.28
CA PRO B 118 5.87 -6.97 34.72
C PRO B 118 5.58 -6.02 33.56
N ILE B 119 4.74 -6.46 32.62
N ILE B 119 4.73 -6.45 32.64
CA ILE B 119 4.40 -5.67 31.44
CA ILE B 119 4.40 -5.65 31.47
C ILE B 119 2.97 -5.93 31.01
C ILE B 119 2.98 -5.93 31.00
N GLU B 120 2.19 -4.87 30.82
CA GLU B 120 0.80 -5.00 30.44
C GLU B 120 0.52 -4.38 29.08
N SER B 121 1.43 -3.53 28.61
CA SER B 121 1.16 -2.73 27.41
C SER B 121 2.42 -2.15 26.77
N ALA B 122 2.24 -1.56 25.59
CA ALA B 122 3.34 -0.90 24.91
C ALA B 122 3.86 0.28 25.75
N GLU B 123 2.94 0.98 26.38
CA GLU B 123 3.34 2.09 27.25
C GLU B 123 4.29 1.60 28.33
N ASP B 124 3.98 0.43 28.91
CA ASP B 124 4.83 -0.19 29.92
C ASP B 124 6.23 -0.48 29.42
N LEU B 125 6.33 -0.97 28.19
CA LEU B 125 7.64 -1.20 27.58
C LEU B 125 8.40 0.10 27.38
N ALA B 126 7.71 1.11 26.87
CA ALA B 126 8.34 2.36 26.48
C ALA B 126 8.89 3.14 27.68
N LYS B 127 8.26 2.96 28.84
CA LYS B 127 8.68 3.65 30.06
C LYS B 127 10.10 3.30 30.49
N GLN B 128 10.46 2.03 30.34
CA GLN B 128 11.65 1.50 30.99
C GLN B 128 12.71 0.98 30.03
N THR B 129 13.84 0.54 30.59
CA THR B 129 14.96 0.06 29.80
C THR B 129 15.51 -1.27 30.32
N GLU B 130 14.99 -1.72 31.46
CA GLU B 130 15.42 -2.98 32.06
C GLU B 130 15.08 -4.16 31.17
N ILE B 131 13.82 -4.20 30.74
CA ILE B 131 13.34 -5.23 29.82
C ILE B 131 13.53 -4.77 28.37
N ALA B 132 14.37 -5.48 27.63
CA ALA B 132 14.58 -5.15 26.23
C ALA B 132 13.46 -5.73 25.39
N TYR B 133 13.28 -5.20 24.18
CA TYR B 133 12.24 -5.68 23.28
C TYR B 133 12.59 -5.37 21.83
N GLY B 134 12.09 -6.19 20.90
CA GLY B 134 12.39 -6.02 19.48
C GLY B 134 11.42 -6.72 18.56
N THR B 135 11.78 -6.81 17.28
CA THR B 135 10.93 -7.39 16.25
C THR B 135 11.76 -8.19 15.26
N LEU B 136 11.09 -8.84 14.31
CA LEU B 136 11.78 -9.38 13.13
C LEU B 136 12.50 -8.26 12.40
N ASP B 137 13.66 -8.56 11.82
CA ASP B 137 14.26 -7.60 10.90
C ASP B 137 13.63 -7.77 9.52
N SER B 138 13.62 -6.71 8.72
CA SER B 138 13.19 -6.79 7.32
C SER B 138 11.74 -7.27 7.10
N GLY B 139 10.80 -6.62 7.77
CA GLY B 139 9.40 -6.96 7.59
C GLY B 139 8.44 -5.82 7.87
N SER B 140 7.15 -6.15 7.86
CA SER B 140 6.11 -5.16 8.09
C SER B 140 6.08 -4.64 9.53
N THR B 141 6.49 -5.46 10.49
CA THR B 141 6.43 -5.04 11.89
C THR B 141 7.48 -3.98 12.19
N LYS B 142 8.71 -4.22 11.76
CA LYS B 142 9.75 -3.22 11.96
C LYS B 142 9.39 -1.90 11.28
N GLU B 143 8.86 -2.00 10.06
CA GLU B 143 8.46 -0.80 9.31
C GLU B 143 7.34 -0.03 10.01
N PHE B 144 6.41 -0.75 10.64
CA PHE B 144 5.34 -0.10 11.39
C PHE B 144 5.88 0.87 12.44
N PHE B 145 6.89 0.43 13.19
CA PHE B 145 7.46 1.26 14.25
C PHE B 145 8.28 2.42 13.71
N ARG B 146 9.03 2.21 12.63
CA ARG B 146 9.81 3.29 12.06
C ARG B 146 8.90 4.38 11.48
N ARG B 147 7.76 3.97 10.96
CA ARG B 147 6.84 4.89 10.27
C ARG B 147 5.97 5.69 11.25
N SER B 148 5.70 5.11 12.41
CA SER B 148 4.66 5.64 13.30
C SER B 148 4.90 7.07 13.79
N LYS B 149 3.83 7.87 13.84
CA LYS B 149 3.86 9.20 14.44
C LYS B 149 3.15 9.23 15.80
N ILE B 150 2.74 8.06 16.27
CA ILE B 150 2.15 7.89 17.60
C ILE B 150 3.25 7.95 18.65
N ALA B 151 3.04 8.77 19.68
CA ALA B 151 4.11 9.05 20.65
C ALA B 151 4.78 7.80 21.22
N VAL B 152 3.98 6.85 21.68
CA VAL B 152 4.51 5.67 22.33
C VAL B 152 5.34 4.80 21.37
N TYR B 153 4.87 4.64 20.13
CA TYR B 153 5.60 3.84 19.17
C TYR B 153 6.87 4.54 18.67
N GLU B 154 6.83 5.86 18.59
CA GLU B 154 8.02 6.63 18.25
C GLU B 154 9.10 6.39 19.29
N LYS B 155 8.69 6.36 20.55
CA LYS B 155 9.62 6.18 21.65
C LYS B 155 10.24 4.78 21.58
N MET B 156 9.39 3.80 21.28
CA MET B 156 9.84 2.42 21.16
C MET B 156 10.83 2.29 20.01
N TRP B 157 10.53 2.92 18.88
CA TRP B 157 11.42 2.86 17.73
C TRP B 157 12.79 3.47 18.05
N THR B 158 12.77 4.63 18.70
CA THR B 158 14.01 5.33 19.02
C THR B 158 14.90 4.46 19.88
N TYR B 159 14.29 3.69 20.79
CA TYR B 159 15.05 2.74 21.60
C TYR B 159 15.57 1.57 20.77
N MET B 160 14.67 0.88 20.08
CA MET B 160 15.05 -0.32 19.32
C MET B 160 16.11 -0.05 18.25
N ARG B 161 16.00 1.10 17.61
CA ARG B 161 16.90 1.47 16.52
C ARG B 161 18.36 1.43 16.97
N SER B 162 18.60 1.76 18.23
CA SER B 162 19.96 1.98 18.72
C SER B 162 20.39 1.01 19.83
N ALA B 163 19.54 0.02 20.12
CA ALA B 163 19.81 -0.90 21.23
C ALA B 163 20.97 -1.86 20.97
N GLU B 164 21.70 -2.19 22.03
CA GLU B 164 22.89 -3.04 21.94
C GLU B 164 22.89 -4.12 23.03
N PRO B 165 23.02 -5.39 22.62
CA PRO B 165 23.16 -5.79 21.21
C PRO B 165 21.83 -5.68 20.49
N SER B 166 21.79 -6.05 19.22
CA SER B 166 20.59 -5.88 18.41
C SER B 166 19.36 -6.52 19.07
N VAL B 167 18.20 -5.89 18.89
CA VAL B 167 16.95 -6.47 19.36
C VAL B 167 16.17 -7.05 18.20
N PHE B 168 16.74 -6.96 16.99
CA PHE B 168 16.08 -7.48 15.80
C PHE B 168 16.57 -8.89 15.46
N THR B 169 15.63 -9.78 15.17
CA THR B 169 15.96 -11.17 14.91
C THR B 169 15.69 -11.56 13.45
N ARG B 170 16.28 -12.66 12.99
CA ARG B 170 16.07 -13.07 11.60
C ARG B 170 14.78 -13.87 11.42
N THR B 171 14.37 -14.59 12.46
CA THR B 171 13.15 -15.40 12.39
C THR B 171 12.31 -15.20 13.64
N THR B 172 11.03 -15.53 13.57
CA THR B 172 10.16 -15.44 14.73
C THR B 172 10.61 -16.43 15.80
N ALA B 173 11.06 -17.62 15.38
CA ALA B 173 11.51 -18.62 16.32
C ALA B 173 12.64 -18.09 17.19
N GLU B 174 13.55 -17.35 16.56
CA GLU B 174 14.69 -16.75 17.24
C GLU B 174 14.22 -15.76 18.29
N GLY B 175 13.20 -14.97 17.96
CA GLY B 175 12.66 -14.00 18.89
C GLY B 175 11.98 -14.68 20.06
N VAL B 176 11.20 -15.72 19.75
CA VAL B 176 10.49 -16.45 20.78
C VAL B 176 11.43 -17.17 21.74
N ALA B 177 12.48 -17.77 21.19
CA ALA B 177 13.47 -18.45 22.02
C ALA B 177 14.15 -17.46 22.97
N ARG B 178 14.42 -16.27 22.47
CA ARG B 178 15.06 -15.22 23.28
C ARG B 178 14.15 -14.82 24.44
N VAL B 179 12.85 -14.69 24.17
CA VAL B 179 11.88 -14.42 25.22
C VAL B 179 11.95 -15.48 26.31
N ARG B 180 12.00 -16.74 25.89
CA ARG B 180 11.95 -17.87 26.81
C ARG B 180 13.23 -18.04 27.63
N LYS B 181 14.35 -17.65 27.06
CA LYS B 181 15.66 -17.86 27.69
C LYS B 181 16.20 -16.61 28.40
N SER B 182 15.42 -15.54 28.42
CA SER B 182 15.91 -14.26 28.96
C SER B 182 15.40 -13.94 30.36
N LYS B 183 14.65 -14.86 30.96
CA LYS B 183 14.18 -14.69 32.33
C LYS B 183 13.38 -13.40 32.53
N GLY B 184 12.60 -13.02 31.53
CA GLY B 184 11.73 -11.85 31.64
C GLY B 184 12.37 -10.53 31.25
N LYS B 185 13.59 -10.58 30.72
CA LYS B 185 14.29 -9.37 30.29
C LYS B 185 14.18 -9.11 28.79
N PHE B 186 13.32 -9.84 28.11
CA PHE B 186 13.09 -9.60 26.68
C PHE B 186 11.63 -9.85 26.29
N ALA B 187 11.04 -8.86 25.62
CA ALA B 187 9.71 -9.01 25.05
C ALA B 187 9.80 -8.94 23.53
N PHE B 188 8.94 -9.68 22.84
CA PHE B 188 9.02 -9.77 21.39
C PHE B 188 7.75 -9.22 20.75
N LEU B 189 7.92 -8.37 19.74
CA LEU B 189 6.78 -7.80 19.04
C LEU B 189 6.53 -8.57 17.75
N LEU B 190 5.43 -9.31 17.71
CA LEU B 190 5.11 -10.15 16.55
C LEU B 190 3.61 -10.20 16.33
N GLU B 191 3.21 -10.69 15.17
CA GLU B 191 1.80 -10.66 14.82
C GLU B 191 0.94 -11.60 15.69
N SER B 192 -0.29 -11.17 15.92
CA SER B 192 -1.19 -11.84 16.88
C SER B 192 -1.44 -13.31 16.56
N THR B 193 -1.49 -13.64 15.27
CA THR B 193 -1.70 -15.03 14.84
C THR B 193 -0.63 -15.95 15.42
N MET B 194 0.63 -15.54 15.31
CA MET B 194 1.74 -16.30 15.85
C MET B 194 1.72 -16.33 17.38
N ASN B 195 1.56 -15.14 17.97
CA ASN B 195 1.54 -14.99 19.43
C ASN B 195 0.52 -15.93 20.05
N GLU B 196 -0.69 -15.92 19.50
CA GLU B 196 -1.79 -16.72 20.03
C GLU B 196 -1.61 -18.23 19.84
N TYR B 197 -1.05 -18.61 18.70
CA TYR B 197 -0.74 -20.02 18.45
C TYR B 197 0.23 -20.53 19.51
N ILE B 198 1.30 -19.77 19.73
CA ILE B 198 2.39 -20.16 20.60
C ILE B 198 2.00 -20.21 22.08
N GLU B 199 1.12 -19.31 22.51
CA GLU B 199 0.76 -19.26 23.92
C GLU B 199 -0.13 -20.43 24.32
N GLN B 200 -0.72 -21.11 23.34
CA GLN B 200 -1.61 -22.23 23.62
C GLN B 200 -0.92 -23.60 23.56
N ARG B 201 0.40 -23.59 23.45
CA ARG B 201 1.16 -24.83 23.34
C ARG B 201 2.30 -24.90 24.34
N LYS B 202 2.69 -26.12 24.72
CA LYS B 202 3.84 -26.34 25.58
C LYS B 202 5.05 -25.66 24.98
N PRO B 203 5.96 -25.15 25.83
CA PRO B 203 5.97 -25.30 27.29
C PRO B 203 5.10 -24.31 28.06
N CYS B 204 4.19 -23.62 27.38
CA CYS B 204 3.21 -22.76 28.05
C CYS B 204 3.83 -21.66 28.91
N ASP B 205 4.95 -21.11 28.46
CA ASP B 205 5.67 -20.11 29.26
C ASP B 205 5.65 -18.69 28.68
N THR B 206 4.81 -18.47 27.66
CA THR B 206 4.67 -17.14 27.07
C THR B 206 3.21 -16.73 27.01
N MET B 207 2.96 -15.43 26.87
CA MET B 207 1.59 -14.97 26.70
C MET B 207 1.53 -13.63 25.95
N LYS B 208 0.38 -13.39 25.33
CA LYS B 208 0.08 -12.12 24.70
C LYS B 208 -0.45 -11.19 25.77
N VAL B 209 0.06 -9.96 25.81
CA VAL B 209 -0.48 -8.97 26.74
C VAL B 209 -1.04 -7.76 26.01
N GLY B 210 -2.18 -7.26 26.49
CA GLY B 210 -2.83 -6.14 25.86
C GLY B 210 -3.47 -6.52 24.55
N GLY B 211 -3.97 -5.52 23.83
CA GLY B 211 -4.61 -5.77 22.54
C GLY B 211 -3.62 -5.60 21.41
N ASN B 212 -4.11 -5.73 20.19
CA ASN B 212 -3.27 -5.53 19.01
C ASN B 212 -2.94 -4.06 18.76
N LEU B 213 -1.74 -3.81 18.26
CA LEU B 213 -1.27 -2.45 18.02
C LEU B 213 -1.86 -1.87 16.75
N ASP B 214 -2.24 -2.74 15.82
CA ASP B 214 -2.86 -2.30 14.58
C ASP B 214 -3.78 -3.37 14.01
N SER B 215 -4.30 -3.14 12.81
CA SER B 215 -5.22 -4.08 12.19
C SER B 215 -4.99 -4.16 10.67
N LYS B 216 -4.72 -5.36 10.17
CA LYS B 216 -4.39 -5.52 8.76
C LYS B 216 -4.58 -6.97 8.33
N GLY B 217 -4.02 -7.34 7.19
CA GLY B 217 -4.27 -8.68 6.66
C GLY B 217 -3.13 -9.31 5.88
N TYR B 218 -3.18 -10.63 5.73
CA TYR B 218 -2.27 -11.38 4.85
C TYR B 218 -2.94 -11.56 3.49
N GLY B 219 -2.16 -11.53 2.42
CA GLY B 219 -2.70 -11.81 1.10
C GLY B 219 -1.79 -12.72 0.28
N VAL B 220 -2.36 -13.36 -0.72
CA VAL B 220 -1.59 -14.16 -1.67
C VAL B 220 -0.98 -13.23 -2.72
N ALA B 221 0.32 -13.36 -2.98
CA ALA B 221 1.00 -12.41 -3.84
C ALA B 221 1.44 -12.99 -5.19
N THR B 222 1.37 -12.18 -6.23
CA THR B 222 1.83 -12.57 -7.57
C THR B 222 2.70 -11.44 -8.17
N PRO B 223 3.62 -11.79 -9.09
CA PRO B 223 4.44 -10.76 -9.74
C PRO B 223 3.58 -9.86 -10.63
N LYS B 224 3.99 -8.62 -10.84
CA LYS B 224 3.24 -7.71 -11.71
C LYS B 224 3.07 -8.34 -13.08
N GLY B 225 1.89 -8.15 -13.67
CA GLY B 225 1.62 -8.65 -15.01
C GLY B 225 1.22 -10.12 -15.08
N SER B 226 1.16 -10.78 -13.93
CA SER B 226 0.83 -12.21 -13.90
C SER B 226 -0.58 -12.54 -14.37
N SER B 227 -0.71 -13.57 -15.20
CA SER B 227 -2.01 -14.05 -15.64
C SER B 227 -2.78 -14.73 -14.51
N LEU B 228 -2.10 -14.99 -13.39
CA LEU B 228 -2.75 -15.61 -12.23
C LEU B 228 -3.37 -14.61 -11.25
N ARG B 229 -3.17 -13.32 -11.50
CA ARG B 229 -3.62 -12.30 -10.56
C ARG B 229 -5.12 -12.40 -10.26
N THR B 230 -5.92 -12.33 -11.30
CA THR B 230 -7.37 -12.35 -11.14
C THR B 230 -7.91 -13.69 -10.64
N PRO B 231 -7.48 -14.80 -11.29
CA PRO B 231 -7.92 -16.12 -10.81
C PRO B 231 -7.66 -16.32 -9.31
N VAL B 232 -6.46 -15.95 -8.88
CA VAL B 232 -6.09 -16.08 -7.47
C VAL B 232 -6.98 -15.22 -6.56
N ASN B 233 -7.24 -13.98 -6.97
CA ASN B 233 -8.05 -13.08 -6.18
C ASN B 233 -9.48 -13.60 -6.02
N LEU B 234 -10.04 -14.06 -7.13
CA LEU B 234 -11.41 -14.60 -7.09
C LEU B 234 -11.46 -15.89 -6.27
N ALA B 235 -10.39 -16.67 -6.32
CA ALA B 235 -10.33 -17.92 -5.57
C ALA B 235 -10.37 -17.66 -4.06
N VAL B 236 -9.62 -16.67 -3.63
CA VAL B 236 -9.59 -16.28 -2.21
C VAL B 236 -10.98 -15.83 -1.74
N LEU B 237 -11.66 -15.04 -2.56
CA LEU B 237 -13.02 -14.60 -2.20
C LEU B 237 -14.00 -15.77 -2.18
N LYS B 238 -13.83 -16.73 -3.09
CA LYS B 238 -14.69 -17.91 -3.10
C LYS B 238 -14.53 -18.70 -1.81
N LEU B 239 -13.29 -18.93 -1.41
CA LEU B 239 -12.98 -19.67 -0.20
C LEU B 239 -13.48 -18.93 1.05
N SER B 240 -13.34 -17.62 1.04
CA SER B 240 -13.87 -16.81 2.12
C SER B 240 -15.38 -17.02 2.26
N GLU B 241 -16.09 -16.86 1.14
CA GLU B 241 -17.56 -16.92 1.17
C GLU B 241 -18.12 -18.32 1.42
N ALA B 242 -17.31 -19.34 1.16
CA ALA B 242 -17.74 -20.72 1.39
C ALA B 242 -17.38 -21.18 2.80
N GLY B 243 -16.73 -20.32 3.55
CA GLY B 243 -16.36 -20.61 4.93
C GLY B 243 -15.11 -21.46 5.07
N VAL B 244 -14.41 -21.70 3.97
CA VAL B 244 -13.23 -22.55 4.00
C VAL B 244 -12.08 -21.89 4.75
N LEU B 245 -11.91 -20.57 4.58
CA LEU B 245 -10.84 -19.88 5.30
C LEU B 245 -11.06 -20.00 6.81
N ASP B 246 -12.30 -19.86 7.25
CA ASP B 246 -12.63 -19.97 8.67
C ASP B 246 -12.37 -21.40 9.15
N LYS B 247 -12.72 -22.36 8.32
CA LYS B 247 -12.55 -23.76 8.68
C LYS B 247 -11.07 -24.09 8.89
N LEU B 248 -10.23 -23.61 7.97
CA LEU B 248 -8.79 -23.83 8.08
C LEU B 248 -8.19 -23.14 9.31
N LYS B 249 -8.66 -21.94 9.62
CA LYS B 249 -8.18 -21.25 10.82
C LYS B 249 -8.49 -22.07 12.08
N ASN B 250 -9.75 -22.50 12.22
CA ASN B 250 -10.14 -23.29 13.37
C ASN B 250 -9.32 -24.59 13.46
N LYS B 251 -9.08 -25.21 12.30
CA LYS B 251 -8.30 -26.44 12.23
C LYS B 251 -6.89 -26.26 12.82
N TRP B 252 -6.16 -25.26 12.33
CA TRP B 252 -4.76 -25.12 12.71
C TRP B 252 -4.49 -24.34 14.01
N TRP B 253 -5.48 -23.60 14.50
CA TRP B 253 -5.33 -22.88 15.76
C TRP B 253 -6.13 -23.54 16.88
N TYR B 254 -6.70 -24.71 16.60
CA TYR B 254 -7.44 -25.46 17.59
C TYR B 254 -6.64 -25.65 18.88
N ASP B 255 -7.28 -25.36 20.01
CA ASP B 255 -6.62 -25.44 21.31
C ASP B 255 -6.78 -26.83 21.92
N GLY B 257 -6.04 -28.67 24.70
CA GLY B 257 -5.61 -27.51 25.46
C GLY B 257 -4.34 -27.76 26.27
N GLU B 258 -3.22 -27.88 25.56
CA GLU B 258 -1.94 -28.18 26.19
C GLU B 258 -1.67 -27.28 27.40
N CYS B 259 -2.23 -26.08 27.38
CA CYS B 259 -1.96 -25.10 28.43
C CYS B 259 -3.19 -24.76 29.26
N GLY C 1 -8.90 14.36 -27.05
CA GLY C 1 -8.36 13.61 -25.94
C GLY C 1 -8.13 14.47 -24.71
N ARG C 2 -7.81 13.81 -23.60
CA ARG C 2 -7.57 14.50 -22.34
C ARG C 2 -6.22 15.22 -22.37
N THR C 3 -5.98 16.12 -21.43
CA THR C 3 -4.67 16.74 -21.31
C THR C 3 -3.81 15.94 -20.33
N VAL C 4 -2.72 15.39 -20.84
CA VAL C 4 -1.78 14.60 -20.04
C VAL C 4 -0.89 15.46 -19.14
N VAL C 5 -0.89 15.15 -17.84
CA VAL C 5 0.00 15.84 -16.91
C VAL C 5 1.43 15.28 -16.98
N VAL C 6 2.37 16.15 -17.31
CA VAL C 6 3.79 15.78 -17.34
C VAL C 6 4.52 16.36 -16.13
N THR C 7 5.07 15.50 -15.30
CA THR C 7 5.86 15.97 -14.16
C THR C 7 7.29 16.17 -14.61
N THR C 8 7.91 17.25 -14.15
CA THR C 8 9.30 17.51 -14.48
C THR C 8 9.87 18.37 -13.37
N ILE C 9 11.11 18.82 -13.54
CA ILE C 9 11.81 19.48 -12.45
C ILE C 9 12.60 20.67 -12.98
N MET C 10 12.70 21.74 -12.19
CA MET C 10 13.48 22.91 -12.59
C MET C 10 14.96 22.59 -12.47
N GLU C 11 15.63 22.46 -13.61
CA GLU C 11 17.01 22.04 -13.66
C GLU C 11 17.58 22.48 -15.01
N SER C 12 18.49 23.44 -15.00
CA SER C 12 19.09 23.96 -16.24
C SER C 12 20.09 22.96 -16.82
N PRO C 13 20.06 22.78 -18.16
CA PRO C 13 19.19 23.45 -19.12
C PRO C 13 18.01 22.58 -19.58
N TYR C 14 17.56 21.65 -18.74
CA TYR C 14 16.45 20.76 -19.09
C TYR C 14 15.12 21.48 -19.05
N VAL C 15 14.86 22.16 -17.94
CA VAL C 15 13.68 22.99 -17.80
C VAL C 15 14.05 24.31 -17.10
N MET C 16 13.77 25.42 -17.76
CA MET C 16 14.10 26.74 -17.24
C MET C 16 12.93 27.69 -17.45
N TYR C 17 12.82 28.71 -16.61
CA TYR C 17 11.88 29.79 -16.87
C TYR C 17 12.40 30.62 -18.01
N LYS C 18 11.53 30.95 -18.97
CA LYS C 18 11.87 31.94 -19.98
C LYS C 18 12.11 33.27 -19.29
N LYS C 19 12.92 34.13 -19.89
CA LYS C 19 13.08 35.49 -19.40
C LYS C 19 11.71 36.17 -19.46
N ASN C 20 11.32 36.83 -18.38
CA ASN C 20 10.01 37.48 -18.30
C ASN C 20 8.86 36.48 -18.35
N HIS C 21 9.03 35.34 -17.68
CA HIS C 21 8.04 34.27 -17.71
C HIS C 21 6.67 34.72 -17.22
N GLU C 22 6.63 35.81 -16.46
CA GLU C 22 5.39 36.31 -15.88
C GLU C 22 4.32 36.63 -16.93
N MET C 23 4.77 37.00 -18.13
CA MET C 23 3.84 37.39 -19.19
C MET C 23 3.47 36.22 -20.11
N PHE C 24 3.76 35.01 -19.67
CA PHE C 24 3.34 33.80 -20.37
C PHE C 24 2.42 32.98 -19.50
N GLU C 25 1.67 32.07 -20.11
CA GLU C 25 0.80 31.16 -19.35
C GLU C 25 1.11 29.69 -19.66
N GLY C 26 0.94 28.83 -18.67
CA GLY C 26 1.05 27.40 -18.86
C GLY C 26 2.42 26.96 -19.37
N ASN C 27 2.40 26.05 -20.34
CA ASN C 27 3.63 25.50 -20.91
C ASN C 27 4.57 26.59 -21.46
N ASP C 28 3.98 27.66 -21.94
CA ASP C 28 4.73 28.73 -22.61
C ASP C 28 5.70 29.46 -21.68
N LYS C 29 5.57 29.22 -20.37
CA LYS C 29 6.46 29.84 -19.39
C LYS C 29 7.86 29.22 -19.42
N TYR C 30 7.96 28.00 -19.92
CA TYR C 30 9.21 27.22 -19.80
C TYR C 30 9.95 27.03 -21.12
N GLU C 31 11.22 26.70 -21.01
CA GLU C 31 12.03 26.30 -22.16
C GLU C 31 13.19 25.41 -21.72
N GLY C 32 13.75 24.65 -22.66
CA GLY C 32 14.89 23.82 -22.35
C GLY C 32 14.84 22.49 -23.08
N TYR C 33 15.86 21.68 -22.87
CA TYR C 33 15.96 20.38 -23.53
C TYR C 33 14.71 19.54 -23.30
N CYS C 34 14.24 19.49 -22.06
CA CYS C 34 13.12 18.61 -21.75
C CYS C 34 11.78 19.18 -22.19
N VAL C 35 11.71 20.51 -22.31
CA VAL C 35 10.51 21.14 -22.84
C VAL C 35 10.40 20.83 -24.33
N ASP C 36 11.52 20.90 -25.04
CA ASP C 36 11.56 20.50 -26.44
C ASP C 36 11.27 19.00 -26.62
N LEU C 37 11.83 18.17 -25.75
CA LEU C 37 11.58 16.73 -25.86
C LEU C 37 10.11 16.41 -25.60
N ALA C 38 9.50 17.08 -24.62
CA ALA C 38 8.09 16.87 -24.33
C ALA C 38 7.25 17.20 -25.57
N SER C 39 7.58 18.30 -26.22
CA SER C 39 6.87 18.70 -27.43
C SER C 39 7.03 17.67 -28.55
N GLU C 40 8.24 17.19 -28.75
CA GLU C 40 8.51 16.18 -29.78
C GLU C 40 7.75 14.88 -29.52
N ILE C 41 7.81 14.40 -28.28
CA ILE C 41 7.12 13.16 -27.93
C ILE C 41 5.61 13.31 -28.10
N ALA C 42 5.07 14.42 -27.62
CA ALA C 42 3.63 14.66 -27.72
C ALA C 42 3.13 14.65 -29.16
N LYS C 43 3.93 15.21 -30.07
CA LYS C 43 3.55 15.23 -31.48
C LYS C 43 3.60 13.83 -32.07
N HIS C 44 4.57 13.04 -31.64
CA HIS C 44 4.75 11.71 -32.20
C HIS C 44 3.78 10.67 -31.69
N ILE C 45 3.18 10.91 -30.52
CA ILE C 45 2.22 9.96 -29.97
C ILE C 45 0.79 10.50 -29.93
N GLY C 46 0.63 11.78 -30.30
CA GLY C 46 -0.69 12.36 -30.46
C GLY C 46 -1.39 12.76 -29.18
N ILE C 47 -0.68 13.44 -28.28
CA ILE C 47 -1.31 13.89 -27.05
C ILE C 47 -1.21 15.40 -26.83
N LYS C 48 -2.15 15.95 -26.09
CA LYS C 48 -2.04 17.28 -25.52
C LYS C 48 -1.51 17.10 -24.10
N TYR C 49 -0.74 18.06 -23.60
CA TYR C 49 -0.11 17.87 -22.29
C TYR C 49 0.06 19.17 -21.52
N LYS C 50 0.20 19.04 -20.21
CA LYS C 50 0.44 20.18 -19.33
C LYS C 50 1.65 19.92 -18.44
N ILE C 51 2.61 20.84 -18.47
CA ILE C 51 3.79 20.70 -17.64
C ILE C 51 3.46 21.07 -16.19
N ALA C 52 3.84 20.21 -15.27
CA ALA C 52 3.63 20.47 -13.85
C ALA C 52 4.92 20.22 -13.07
N ILE C 53 5.52 21.27 -12.54
CA ILE C 53 6.78 21.14 -11.82
C ILE C 53 6.56 20.39 -10.50
N VAL C 54 7.38 19.38 -10.25
CA VAL C 54 7.20 18.52 -9.08
C VAL C 54 7.24 19.36 -7.79
N PRO C 55 6.17 19.27 -6.98
CA PRO C 55 6.04 20.16 -5.81
C PRO C 55 7.22 20.11 -4.82
N ASP C 56 7.72 18.93 -4.49
CA ASP C 56 8.80 18.83 -3.50
C ASP C 56 10.19 19.04 -4.11
N GLY C 57 10.24 19.24 -5.42
CA GLY C 57 11.50 19.55 -6.10
C GLY C 57 12.52 18.41 -6.12
N LYS C 58 12.06 17.18 -5.96
CA LYS C 58 12.96 16.03 -5.86
C LYS C 58 12.86 15.08 -7.05
N TYR C 59 13.91 14.29 -7.25
CA TYR C 59 13.92 13.30 -8.32
C TYR C 59 13.08 12.07 -7.99
N GLY C 60 13.37 11.43 -6.87
CA GLY C 60 12.56 10.30 -6.43
C GLY C 60 13.33 9.19 -5.73
N ALA C 61 12.93 8.94 -4.49
CA ALA C 61 13.44 7.80 -3.72
C ALA C 61 12.42 7.49 -2.62
N ARG C 62 12.64 6.39 -1.89
N ARG C 62 12.63 6.39 -1.90
CA ARG C 62 11.76 6.01 -0.76
CA ARG C 62 11.76 6.08 -0.76
C ARG C 62 12.12 6.80 0.50
C ARG C 62 12.16 6.92 0.43
N ASP C 63 11.16 7.51 1.09
CA ASP C 63 11.41 8.24 2.33
C ASP C 63 11.93 7.26 3.35
N ALA C 64 12.98 7.63 4.08
CA ALA C 64 13.67 6.70 4.96
C ALA C 64 12.76 6.09 6.04
N ASP C 65 11.87 6.90 6.59
CA ASP C 65 11.06 6.46 7.72
C ASP C 65 9.72 5.85 7.31
N THR C 66 9.07 6.42 6.28
CA THR C 66 7.76 5.92 5.86
C THR C 66 7.83 4.96 4.67
N LYS C 67 8.92 5.06 3.90
CA LYS C 67 9.11 4.27 2.67
C LYS C 67 8.24 4.72 1.50
N ILE C 68 7.50 5.81 1.71
CA ILE C 68 6.69 6.38 0.65
C ILE C 68 7.57 7.09 -0.36
N TRP C 69 7.31 6.86 -1.65
CA TRP C 69 8.10 7.48 -2.71
C TRP C 69 7.87 8.99 -2.78
N ASN C 70 8.96 9.74 -2.92
CA ASN C 70 8.84 11.18 -3.12
C ASN C 70 9.20 11.58 -4.55
N GLY C 71 9.23 12.89 -4.80
CA GLY C 71 9.71 13.41 -6.06
C GLY C 71 8.85 13.04 -7.26
N MET C 72 9.43 13.08 -8.45
CA MET C 72 8.71 12.77 -9.68
C MET C 72 8.25 11.32 -9.71
N VAL C 73 9.09 10.43 -9.20
CA VAL C 73 8.72 9.01 -9.15
C VAL C 73 7.43 8.87 -8.35
N GLY C 74 7.37 9.55 -7.20
CA GLY C 74 6.16 9.56 -6.40
C GLY C 74 4.93 10.07 -7.13
N GLU C 75 5.07 11.17 -7.84
CA GLU C 75 3.94 11.71 -8.63
C GLU C 75 3.39 10.66 -9.59
N LEU C 76 4.26 9.87 -10.22
CA LEU C 76 3.81 8.82 -11.13
C LEU C 76 3.17 7.65 -10.38
N VAL C 77 3.82 7.20 -9.32
CA VAL C 77 3.35 6.01 -8.63
C VAL C 77 1.94 6.23 -8.06
N TYR C 78 1.72 7.40 -7.46
CA TYR C 78 0.48 7.64 -6.71
C TYR C 78 -0.66 8.29 -7.50
N GLY C 79 -0.42 8.59 -8.76
CA GLY C 79 -1.49 8.96 -9.67
C GLY C 79 -1.60 10.43 -10.06
N LYS C 80 -0.63 11.23 -9.65
CA LYS C 80 -0.71 12.67 -9.85
C LYS C 80 -0.13 13.17 -11.16
N ALA C 81 0.59 12.30 -11.86
CA ALA C 81 1.14 12.64 -13.18
C ALA C 81 1.14 11.38 -14.04
N GLU C 82 1.16 11.56 -15.35
CA GLU C 82 1.09 10.42 -16.27
C GLU C 82 2.39 10.16 -17.02
N ILE C 83 3.27 11.17 -17.10
CA ILE C 83 4.58 10.99 -17.69
C ILE C 83 5.57 11.88 -16.95
N ALA C 84 6.80 11.39 -16.76
CA ALA C 84 7.88 12.24 -16.27
C ALA C 84 8.92 12.43 -17.39
N ILE C 85 9.23 13.67 -17.68
CA ILE C 85 10.20 14.01 -18.73
C ILE C 85 11.21 14.95 -18.11
N ALA C 86 12.39 14.42 -17.78
CA ALA C 86 13.37 15.11 -16.95
C ALA C 86 14.69 14.34 -16.95
N PRO C 87 15.77 14.95 -16.44
CA PRO C 87 17.01 14.18 -16.31
C PRO C 87 16.90 13.20 -15.15
N LEU C 88 16.03 12.21 -15.33
CA LEU C 88 15.77 11.20 -14.31
C LEU C 88 16.50 9.90 -14.67
N THR C 89 17.34 9.43 -13.77
CA THR C 89 18.25 8.34 -14.07
C THR C 89 17.57 6.97 -14.00
N ILE C 90 17.82 6.15 -15.02
CA ILE C 90 17.29 4.79 -15.06
C ILE C 90 18.03 3.91 -14.05
N THR C 91 17.33 3.46 -13.02
CA THR C 91 17.93 2.59 -12.00
C THR C 91 17.00 1.43 -11.69
N LEU C 92 17.56 0.33 -11.19
CA LEU C 92 16.77 -0.84 -10.81
C LEU C 92 15.67 -0.49 -9.81
N VAL C 93 16.04 0.22 -8.75
CA VAL C 93 15.08 0.49 -7.67
C VAL C 93 13.87 1.26 -8.20
N ARG C 94 14.09 2.14 -9.18
CA ARG C 94 12.98 2.88 -9.80
C ARG C 94 12.21 2.04 -10.82
N GLU C 95 12.93 1.25 -11.61
CA GLU C 95 12.30 0.41 -12.64
C GLU C 95 11.36 -0.63 -12.02
N GLU C 96 11.53 -0.90 -10.73
CA GLU C 96 10.65 -1.83 -10.04
C GLU C 96 9.26 -1.22 -9.74
N VAL C 97 9.15 0.11 -9.78
CA VAL C 97 7.89 0.78 -9.46
C VAL C 97 7.28 1.64 -10.58
N ILE C 98 8.12 2.06 -11.52
N ILE C 98 8.10 2.04 -11.54
CA ILE C 98 7.68 2.80 -12.71
CA ILE C 98 7.58 2.69 -12.74
C ILE C 98 8.42 2.26 -13.95
C ILE C 98 8.25 2.07 -13.97
N ASP C 99 7.89 2.54 -15.15
CA ASP C 99 8.53 2.06 -16.39
C ASP C 99 9.34 3.17 -17.06
N PHE C 100 10.54 2.83 -17.55
CA PHE C 100 11.38 3.78 -18.28
C PHE C 100 11.43 3.44 -19.77
N SER C 101 11.45 4.46 -20.61
CA SER C 101 11.81 4.29 -22.01
C SER C 101 13.29 3.89 -22.11
N LYS C 102 13.71 3.48 -23.29
CA LYS C 102 15.14 3.37 -23.56
C LYS C 102 15.77 4.74 -23.33
N PRO C 103 17.07 4.79 -23.03
CA PRO C 103 17.70 6.05 -22.62
C PRO C 103 17.72 7.11 -23.73
N PHE C 104 17.42 8.36 -23.38
CA PHE C 104 17.50 9.47 -24.34
C PHE C 104 18.81 10.26 -24.24
N MET C 105 19.58 10.01 -23.18
CA MET C 105 20.86 10.70 -22.97
C MET C 105 21.79 9.87 -22.09
N SER C 106 23.08 9.88 -22.40
CA SER C 106 24.06 9.13 -21.61
C SER C 106 24.82 10.06 -20.66
N LEU C 107 25.24 9.51 -19.53
CA LEU C 107 25.99 10.31 -18.55
C LEU C 107 26.65 9.45 -17.49
N GLY C 108 27.40 10.10 -16.60
CA GLY C 108 28.01 9.40 -15.48
C GLY C 108 28.20 10.36 -14.33
N ILE C 109 28.39 9.82 -13.13
CA ILE C 109 28.67 10.66 -11.98
C ILE C 109 30.04 11.29 -12.17
N SER C 110 30.19 12.55 -11.77
CA SER C 110 31.44 13.27 -11.94
C SER C 110 31.76 14.15 -10.74
N ILE C 111 32.96 14.70 -10.71
CA ILE C 111 33.40 15.52 -9.60
C ILE C 111 33.49 17.00 -9.99
N MET C 112 32.83 17.85 -9.21
CA MET C 112 32.92 19.29 -9.43
C MET C 112 33.71 19.94 -8.29
N ILE C 113 34.73 20.72 -8.65
CA ILE C 113 35.50 21.46 -7.64
C ILE C 113 35.47 22.95 -7.97
N LYS C 114 35.76 23.77 -6.97
CA LYS C 114 36.04 25.18 -7.24
C LYS C 114 37.42 25.21 -7.88
N LYS C 115 37.60 26.05 -8.88
CA LYS C 115 38.91 26.16 -9.53
C LYS C 115 39.97 26.52 -8.50
N GLY C 116 41.10 25.83 -8.55
CA GLY C 116 42.17 26.07 -7.59
C GLY C 116 42.22 25.04 -6.47
N THR C 117 41.18 24.24 -6.35
CA THR C 117 41.14 23.18 -5.35
C THR C 117 42.13 22.08 -5.74
N PRO C 118 42.95 21.62 -4.78
CA PRO C 118 43.94 20.56 -5.03
C PRO C 118 43.31 19.16 -5.05
N ILE C 119 42.42 18.91 -6.00
CA ILE C 119 41.82 17.59 -6.17
C ILE C 119 41.74 17.27 -7.66
N GLU C 120 42.16 16.07 -8.04
CA GLU C 120 42.15 15.68 -9.44
C GLU C 120 41.42 14.34 -9.68
N SER C 121 41.04 13.66 -8.61
CA SER C 121 40.41 12.35 -8.75
C SER C 121 39.62 11.94 -7.51
N ALA C 122 38.82 10.89 -7.65
CA ALA C 122 38.06 10.36 -6.51
C ALA C 122 39.03 9.86 -5.45
N GLU C 123 40.12 9.25 -5.88
CA GLU C 123 41.16 8.80 -4.95
C GLU C 123 41.67 9.98 -4.11
N ASP C 124 41.90 11.11 -4.76
CA ASP C 124 42.37 12.31 -4.08
C ASP C 124 41.42 12.73 -2.96
N LEU C 125 40.12 12.64 -3.23
CA LEU C 125 39.11 13.00 -2.22
C LEU C 125 39.12 12.05 -1.04
N ALA C 126 39.19 10.76 -1.33
CA ALA C 126 39.04 9.73 -0.29
C ALA C 126 40.21 9.70 0.68
N LYS C 127 41.40 10.06 0.21
CA LYS C 127 42.61 9.95 1.03
C LYS C 127 42.88 11.19 1.87
N GLN C 128 41.88 12.05 2.01
CA GLN C 128 42.02 13.26 2.81
C GLN C 128 40.73 13.64 3.52
N THR C 129 40.78 14.72 4.30
CA THR C 129 39.64 15.14 5.11
C THR C 129 39.55 16.66 5.19
N GLU C 130 40.55 17.33 4.64
CA GLU C 130 40.57 18.78 4.59
C GLU C 130 39.35 19.30 3.85
N ILE C 131 39.06 18.66 2.73
CA ILE C 131 37.98 19.09 1.86
C ILE C 131 36.76 18.18 2.00
N ALA C 132 35.62 18.77 2.35
CA ALA C 132 34.38 18.01 2.45
C ALA C 132 33.79 17.78 1.07
N TYR C 133 32.88 16.81 0.96
CA TYR C 133 32.23 16.54 -0.31
C TYR C 133 30.96 15.74 -0.09
N GLY C 134 29.97 15.95 -0.96
CA GLY C 134 28.70 15.26 -0.84
C GLY C 134 27.96 15.12 -2.15
N THR C 135 26.69 14.76 -2.07
CA THR C 135 25.86 14.55 -3.25
C THR C 135 24.46 15.07 -3.00
N LEU C 136 23.62 15.02 -4.03
N LEU C 136 23.62 15.01 -4.02
CA LEU C 136 22.20 15.25 -3.85
CA LEU C 136 22.20 15.30 -3.86
C LEU C 136 21.68 14.24 -2.85
C LEU C 136 21.58 14.24 -2.97
N ASP C 137 20.69 14.64 -2.08
CA ASP C 137 20.01 13.68 -1.22
C ASP C 137 18.89 13.05 -2.05
N SER C 138 18.55 11.80 -1.76
CA SER C 138 17.35 11.19 -2.34
C SER C 138 17.40 11.03 -3.87
N GLY C 139 18.40 10.30 -4.36
CA GLY C 139 18.50 10.05 -5.78
C GLY C 139 19.53 9.01 -6.15
N SER C 140 19.79 8.88 -7.44
CA SER C 140 20.63 7.80 -7.94
C SER C 140 22.11 7.92 -7.54
N THR C 141 22.59 9.15 -7.41
CA THR C 141 24.01 9.33 -7.09
C THR C 141 24.34 8.86 -5.67
N LYS C 142 23.52 9.26 -4.71
CA LYS C 142 23.74 8.83 -3.33
C LYS C 142 23.64 7.31 -3.22
N GLU C 143 22.68 6.74 -3.95
CA GLU C 143 22.49 5.29 -3.94
C GLU C 143 23.71 4.56 -4.52
N PHE C 144 24.26 5.12 -5.59
CA PHE C 144 25.49 4.60 -6.19
C PHE C 144 26.59 4.36 -5.15
N PHE C 145 26.78 5.35 -4.28
CA PHE C 145 27.85 5.28 -3.29
C PHE C 145 27.57 4.28 -2.18
N ARG C 146 26.33 4.25 -1.71
CA ARG C 146 25.99 3.32 -0.64
C ARG C 146 26.13 1.87 -1.11
N ARG C 147 25.84 1.65 -2.39
CA ARG C 147 25.81 0.31 -2.97
C ARG C 147 27.21 -0.20 -3.38
N SER C 148 28.10 0.73 -3.72
CA SER C 148 29.38 0.35 -4.32
C SER C 148 30.24 -0.59 -3.47
N LYS C 149 30.90 -1.53 -4.13
CA LYS C 149 31.87 -2.40 -3.46
C LYS C 149 33.30 -2.10 -3.97
N ILE C 150 33.44 -0.96 -4.62
CA ILE C 150 34.75 -0.49 -5.08
C ILE C 150 35.42 0.25 -3.93
N ALA C 151 36.64 -0.16 -3.59
CA ALA C 151 37.33 0.34 -2.41
C ALA C 151 37.25 1.85 -2.23
N VAL C 152 37.63 2.60 -3.26
CA VAL C 152 37.65 4.07 -3.14
C VAL C 152 36.26 4.67 -2.91
N TYR C 153 35.25 4.14 -3.58
CA TYR C 153 33.90 4.67 -3.41
C TYR C 153 33.31 4.26 -2.06
N GLU C 154 33.72 3.09 -1.57
CA GLU C 154 33.32 2.65 -0.25
C GLU C 154 33.81 3.61 0.83
N LYS C 155 35.06 4.05 0.68
CA LYS C 155 35.65 4.96 1.65
C LYS C 155 34.93 6.30 1.60
N MET C 156 34.60 6.75 0.39
CA MET C 156 33.84 7.98 0.23
C MET C 156 32.48 7.88 0.90
N TRP C 157 31.78 6.77 0.69
CA TRP C 157 30.48 6.58 1.32
C TRP C 157 30.60 6.59 2.84
N THR C 158 31.59 5.88 3.36
CA THR C 158 31.80 5.85 4.81
C THR C 158 31.96 7.26 5.38
N TYR C 159 32.76 8.09 4.69
CA TYR C 159 32.93 9.47 5.13
C TYR C 159 31.63 10.26 5.05
N MET C 160 31.00 10.25 3.87
CA MET C 160 29.82 11.07 3.63
C MET C 160 28.64 10.74 4.53
N ARG C 161 28.43 9.45 4.79
CA ARG C 161 27.22 9.03 5.49
C ARG C 161 27.11 9.64 6.89
N SER C 162 28.24 9.92 7.51
CA SER C 162 28.23 10.42 8.89
C SER C 162 28.90 11.79 9.04
N ALA C 163 29.10 12.50 7.94
CA ALA C 163 29.73 13.81 7.98
C ALA C 163 28.81 14.85 8.58
N GLU C 164 29.38 15.76 9.36
CA GLU C 164 28.61 16.84 9.97
C GLU C 164 29.36 18.16 9.85
N PRO C 165 28.68 19.21 9.40
CA PRO C 165 27.25 19.19 9.03
C PRO C 165 27.00 18.31 7.81
N SER C 166 25.73 18.03 7.52
CA SER C 166 25.35 17.15 6.41
C SER C 166 25.96 17.60 5.09
N VAL C 167 26.50 16.66 4.32
CA VAL C 167 27.07 16.97 3.01
C VAL C 167 26.07 16.72 1.88
N PHE C 168 24.86 16.28 2.24
CA PHE C 168 23.84 16.03 1.24
C PHE C 168 22.92 17.23 1.06
N THR C 169 22.65 17.60 -0.18
CA THR C 169 21.87 18.79 -0.48
C THR C 169 20.51 18.45 -1.07
N ARG C 170 19.57 19.39 -1.02
CA ARG C 170 18.24 19.14 -1.54
C ARG C 170 18.19 19.30 -3.06
N THR C 171 18.95 20.25 -3.57
CA THR C 171 18.97 20.51 -5.01
C THR C 171 20.40 20.57 -5.50
N THR C 172 20.60 20.44 -6.81
CA THR C 172 21.94 20.60 -7.36
C THR C 172 22.39 22.05 -7.19
N ALA C 173 21.45 22.99 -7.31
CA ALA C 173 21.77 24.39 -7.16
C ALA C 173 22.39 24.69 -5.80
N GLU C 174 21.88 24.04 -4.76
CA GLU C 174 22.44 24.19 -3.42
C GLU C 174 23.84 23.63 -3.32
N GLY C 175 24.07 22.47 -3.93
CA GLY C 175 25.39 21.86 -3.94
C GLY C 175 26.40 22.73 -4.67
N VAL C 176 26.01 23.24 -5.83
CA VAL C 176 26.89 24.07 -6.65
C VAL C 176 27.20 25.39 -5.94
N ALA C 177 26.20 25.96 -5.27
CA ALA C 177 26.38 27.20 -4.53
C ALA C 177 27.35 26.98 -3.37
N ARG C 178 27.30 25.78 -2.80
CA ARG C 178 28.16 25.43 -1.69
C ARG C 178 29.61 25.29 -2.13
N VAL C 179 29.81 24.74 -3.33
CA VAL C 179 31.15 24.65 -3.89
C VAL C 179 31.73 26.05 -4.10
N ARG C 180 30.91 26.95 -4.64
CA ARG C 180 31.34 28.30 -4.96
C ARG C 180 31.64 29.16 -3.73
N LYS C 181 30.97 28.88 -2.63
CA LYS C 181 31.08 29.71 -1.43
C LYS C 181 32.03 29.17 -0.37
N SER C 182 32.62 28.01 -0.61
CA SER C 182 33.39 27.33 0.43
C SER C 182 34.92 27.49 0.32
N LYS C 183 35.35 28.38 -0.57
CA LYS C 183 36.78 28.68 -0.69
C LYS C 183 37.60 27.43 -0.95
N GLY C 184 37.01 26.46 -1.66
CA GLY C 184 37.71 25.26 -2.05
C GLY C 184 37.62 24.12 -1.06
N LYS C 185 36.81 24.29 -0.01
CA LYS C 185 36.69 23.28 1.04
C LYS C 185 35.48 22.36 0.85
N PHE C 186 34.78 22.52 -0.27
CA PHE C 186 33.69 21.61 -0.62
C PHE C 186 33.76 21.21 -2.09
N ALA C 187 33.56 19.92 -2.34
CA ALA C 187 33.47 19.39 -3.71
C ALA C 187 32.13 18.69 -3.83
N PHE C 188 31.54 18.70 -5.02
CA PHE C 188 30.18 18.20 -5.20
C PHE C 188 30.17 17.08 -6.25
N LEU C 189 29.48 15.99 -5.92
CA LEU C 189 29.37 14.86 -6.83
C LEU C 189 28.03 14.91 -7.54
N LEU C 190 28.06 15.19 -8.84
CA LEU C 190 26.85 15.25 -9.66
C LEU C 190 27.09 14.73 -11.07
N GLU C 191 26.00 14.57 -11.81
CA GLU C 191 26.11 13.98 -13.14
C GLU C 191 26.82 14.89 -14.15
N SER C 192 27.55 14.26 -15.07
CA SER C 192 28.45 14.94 -15.99
C SER C 192 27.75 15.99 -16.85
N THR C 193 26.51 15.70 -17.25
CA THR C 193 25.71 16.63 -18.02
C THR C 193 25.62 18.01 -17.36
N MET C 194 25.30 18.01 -16.07
CA MET C 194 25.22 19.25 -15.30
C MET C 194 26.60 19.88 -15.08
N ASN C 195 27.54 19.06 -14.64
CA ASN C 195 28.90 19.53 -14.36
C ASN C 195 29.48 20.28 -15.56
N GLU C 196 29.35 19.67 -16.75
CA GLU C 196 29.93 20.24 -17.96
C GLU C 196 29.23 21.52 -18.41
N TYR C 197 27.91 21.56 -18.25
CA TYR C 197 27.11 22.75 -18.58
C TYR C 197 27.55 23.93 -17.72
N ILE C 198 27.68 23.69 -16.42
CA ILE C 198 28.01 24.73 -15.47
C ILE C 198 29.45 25.25 -15.65
N GLU C 199 30.36 24.36 -16.00
CA GLU C 199 31.77 24.72 -16.19
C GLU C 199 31.97 25.79 -17.26
N GLN C 200 31.14 25.75 -18.30
CA GLN C 200 31.34 26.61 -19.46
C GLN C 200 30.59 27.94 -19.36
N ARG C 201 30.02 28.21 -18.19
CA ARG C 201 29.17 29.39 -18.04
C ARG C 201 29.54 30.26 -16.83
N LYS C 202 29.17 31.54 -16.88
CA LYS C 202 29.43 32.47 -15.78
C LYS C 202 28.93 31.86 -14.47
N PRO C 203 29.66 32.08 -13.37
CA PRO C 203 30.86 32.93 -13.23
C PRO C 203 32.19 32.23 -13.49
N CYS C 204 32.14 31.05 -14.13
CA CYS C 204 33.36 30.39 -14.59
C CYS C 204 34.34 30.03 -13.47
N ASP C 205 33.82 29.62 -12.31
CA ASP C 205 34.68 29.33 -11.18
C ASP C 205 34.71 27.86 -10.76
N THR C 206 34.06 27.00 -11.54
CA THR C 206 34.09 25.58 -11.25
C THR C 206 34.60 24.76 -12.44
N MET C 207 34.93 23.51 -12.19
CA MET C 207 35.33 22.60 -13.27
C MET C 207 35.11 21.15 -12.87
N LYS C 208 34.96 20.31 -13.88
CA LYS C 208 34.93 18.86 -13.69
C LYS C 208 36.36 18.36 -13.67
N VAL C 209 36.69 17.46 -12.75
CA VAL C 209 38.01 16.86 -12.73
C VAL C 209 37.95 15.35 -12.83
N GLY C 210 38.85 14.77 -13.61
CA GLY C 210 38.88 13.34 -13.81
C GLY C 210 37.80 12.89 -14.77
N GLY C 211 37.71 11.59 -14.98
CA GLY C 211 36.67 11.04 -15.83
C GLY C 211 35.41 10.79 -15.03
N ASN C 212 34.39 10.22 -15.66
CA ASN C 212 33.16 9.86 -14.98
C ASN C 212 33.36 8.62 -14.13
N LEU C 213 32.63 8.53 -13.02
CA LEU C 213 32.78 7.42 -12.09
C LEU C 213 31.96 6.20 -12.55
N ASP C 214 31.02 6.43 -13.45
CA ASP C 214 30.19 5.34 -13.96
C ASP C 214 29.54 5.73 -15.27
N SER C 215 28.63 4.89 -15.76
CA SER C 215 28.02 5.12 -17.06
C SER C 215 26.57 4.65 -17.07
N LYS C 216 25.65 5.55 -17.40
CA LYS C 216 24.22 5.21 -17.42
C LYS C 216 23.42 6.18 -18.26
N GLY C 217 22.10 6.17 -18.09
CA GLY C 217 21.23 6.99 -18.92
C GLY C 217 20.00 7.56 -18.23
N TYR C 218 19.44 8.60 -18.85
CA TYR C 218 18.14 9.15 -18.46
C TYR C 218 17.06 8.51 -19.31
N GLY C 219 15.88 8.31 -18.74
CA GLY C 219 14.77 7.76 -19.49
C GLY C 219 13.48 8.49 -19.18
N VAL C 220 12.53 8.46 -20.11
CA VAL C 220 11.19 8.99 -19.87
C VAL C 220 10.40 7.94 -19.07
N ALA C 221 9.70 8.39 -18.04
CA ALA C 221 9.03 7.45 -17.14
C ALA C 221 7.51 7.51 -17.19
N THR C 222 6.88 6.35 -17.07
CA THR C 222 5.43 6.26 -17.02
C THR C 222 5.02 5.33 -15.88
N PRO C 223 3.80 5.53 -15.35
CA PRO C 223 3.32 4.66 -14.27
C PRO C 223 3.05 3.25 -14.80
N LYS C 224 3.18 2.24 -13.96
CA LYS C 224 2.86 0.87 -14.36
C LYS C 224 1.47 0.80 -15.00
N GLY C 225 1.38 0.06 -16.10
CA GLY C 225 0.10 -0.19 -16.75
C GLY C 225 -0.38 0.92 -17.67
N SER C 226 0.42 1.97 -17.82
CA SER C 226 0.04 3.10 -18.65
C SER C 226 -0.05 2.72 -20.13
N SER C 227 -1.07 3.23 -20.81
CA SER C 227 -1.20 2.98 -22.24
C SER C 227 -0.17 3.80 -23.04
N LEU C 228 0.51 4.72 -22.36
CA LEU C 228 1.52 5.54 -23.03
C LEU C 228 2.89 4.88 -23.08
N ARG C 229 3.06 3.77 -22.37
CA ARG C 229 4.38 3.15 -22.23
C ARG C 229 5.05 2.86 -23.57
N THR C 230 4.36 2.11 -24.42
CA THR C 230 4.98 1.67 -25.66
C THR C 230 5.16 2.81 -26.67
N PRO C 231 4.13 3.64 -26.85
CA PRO C 231 4.30 4.79 -27.75
C PRO C 231 5.44 5.70 -27.32
N VAL C 232 5.58 5.92 -26.02
CA VAL C 232 6.68 6.74 -25.51
C VAL C 232 8.03 6.09 -25.84
N ASN C 233 8.13 4.79 -25.59
CA ASN C 233 9.37 4.07 -25.89
C ASN C 233 9.75 4.15 -27.37
N LEU C 234 8.78 3.92 -28.25
CA LEU C 234 9.04 4.01 -29.68
C LEU C 234 9.37 5.44 -30.11
N ALA C 235 8.72 6.42 -29.49
CA ALA C 235 8.99 7.82 -29.82
C ALA C 235 10.44 8.21 -29.50
N VAL C 236 10.94 7.76 -28.33
CA VAL C 236 12.32 8.06 -27.94
C VAL C 236 13.32 7.43 -28.90
N LEU C 237 13.10 6.17 -29.26
CA LEU C 237 13.98 5.49 -30.20
C LEU C 237 13.95 6.18 -31.57
N LYS C 238 12.74 6.54 -32.02
CA LYS C 238 12.57 7.23 -33.30
C LYS C 238 13.32 8.56 -33.32
N LEU C 239 13.17 9.35 -32.27
CA LEU C 239 13.85 10.64 -32.15
C LEU C 239 15.37 10.51 -32.11
N SER C 240 15.86 9.47 -31.43
CA SER C 240 17.28 9.21 -31.37
C SER C 240 17.80 8.91 -32.79
N GLU C 241 17.11 8.01 -33.48
CA GLU C 241 17.56 7.53 -34.77
C GLU C 241 17.38 8.56 -35.90
N ALA C 242 16.52 9.54 -35.66
CA ALA C 242 16.28 10.61 -36.62
C ALA C 242 17.26 11.77 -36.41
N GLY C 243 18.06 11.67 -35.34
CA GLY C 243 19.05 12.70 -35.04
C GLY C 243 18.50 13.89 -34.27
N VAL C 244 17.25 13.80 -33.85
CA VAL C 244 16.61 14.93 -33.15
C VAL C 244 17.19 15.13 -31.75
N LEU C 245 17.50 14.04 -31.06
CA LEU C 245 18.08 14.15 -29.73
C LEU C 245 19.48 14.79 -29.79
N ASP C 246 20.26 14.45 -30.81
CA ASP C 246 21.56 15.10 -31.02
C ASP C 246 21.39 16.59 -31.23
N LYS C 247 20.41 16.99 -32.06
CA LYS C 247 20.18 18.40 -32.33
C LYS C 247 19.80 19.15 -31.06
N LEU C 248 18.97 18.54 -30.22
CA LEU C 248 18.53 19.19 -28.99
C LEU C 248 19.67 19.33 -27.98
N LYS C 249 20.50 18.30 -27.91
CA LYS C 249 21.67 18.34 -27.04
C LYS C 249 22.60 19.46 -27.47
N ASN C 250 22.89 19.51 -28.77
CA ASN C 250 23.78 20.54 -29.30
C ASN C 250 23.21 21.94 -29.08
N LYS C 251 21.90 22.07 -29.29
CA LYS C 251 21.19 23.33 -29.09
C LYS C 251 21.34 23.86 -27.66
N TRP C 252 21.10 23.01 -26.67
CA TRP C 252 21.00 23.47 -25.29
C TRP C 252 22.31 23.47 -24.50
N TRP C 253 23.33 22.80 -25.03
CA TRP C 253 24.64 22.82 -24.40
C TRP C 253 25.64 23.69 -25.16
N TYR C 254 25.20 24.31 -26.25
CA TYR C 254 26.12 25.07 -27.10
C TYR C 254 26.91 26.12 -26.32
N ASP C 255 28.21 26.16 -26.57
CA ASP C 255 29.13 27.03 -25.87
C ASP C 255 29.23 28.37 -26.59
N LYS C 256 28.62 29.40 -26.02
CA LYS C 256 28.63 30.74 -26.61
C LYS C 256 29.89 31.52 -26.24
N GLY C 257 30.75 30.90 -25.43
CA GLY C 257 32.01 31.51 -25.07
C GLY C 257 31.99 32.36 -23.82
N GLU C 258 31.03 32.10 -22.93
CA GLU C 258 30.94 32.85 -21.67
C GLU C 258 32.22 32.77 -20.86
N CYS C 259 32.93 31.66 -20.99
CA CYS C 259 34.16 31.47 -20.22
C CYS C 259 35.37 31.42 -21.14
N GLY C 260 35.21 31.93 -22.36
CA GLY C 260 36.32 32.03 -23.30
C GLY C 260 36.35 30.89 -24.31
#